data_2R6J
#
_entry.id   2R6J
#
_cell.length_a   54.301
_cell.length_b   86.049
_cell.length_c   76.440
_cell.angle_alpha   90.000
_cell.angle_beta   107.710
_cell.angle_gamma   90.000
#
_symmetry.space_group_name_H-M   'P 1 21 1'
#
loop_
_entity.id
_entity.type
_entity.pdbx_description
1 polymer 'Eugenol synthase 1'
2 non-polymer 'NADPH DIHYDRO-NICOTINAMIDE-ADENINE-DINUCLEOTIDE PHOSPHATE'
3 water water
#
_entity_poly.entity_id   1
_entity_poly.type   'polypeptide(L)'
_entity_poly.pdbx_seq_one_letter_code
;SGHGMEENGMKSKILIFGGTGYIGNHMVKGSLKLGHPTYVFTRPNSSKTTLLDEFQSLGAIIVKGELDEHEKLVELMKKV
DVVISALAFPQILDQFKILEAIKVAGNIKRFLPSDFGVEEDRINALPPFEALIERKRMIRRAIEEANIPYTYVSANCFAS
YFINYLLRPYDPKDEITVYGTGEAKFAMNYEQDIGLYTIKVATDPRALNRVVIYRPSTNIITQLELISRWEKKIGKKFKK
IHVPEEEIVALTKELPEPENIPIAILHCLFIDGATMSYDFKENDVEASTLYPELKFTTIDELLDIFVHDPPPPASAAF
;
_entity_poly.pdbx_strand_id   A,B
#
loop_
_chem_comp.id
_chem_comp.type
_chem_comp.name
_chem_comp.formula
NDP non-polymer 'NADPH DIHYDRO-NICOTINAMIDE-ADENINE-DINUCLEOTIDE PHOSPHATE' 'C21 H30 N7 O17 P3'
#
# COMPACT_ATOMS: atom_id res chain seq x y z
N GLY A 9 32.21 -3.55 25.57
CA GLY A 9 33.06 -2.77 26.52
C GLY A 9 32.34 -1.55 27.07
N MET A 10 32.90 -0.37 26.76
CA MET A 10 32.30 0.88 27.21
C MET A 10 31.20 1.35 26.28
N LYS A 11 31.04 0.66 25.15
CA LYS A 11 30.02 0.99 24.17
C LYS A 11 28.65 1.12 24.82
N SER A 12 27.96 2.22 24.56
CA SER A 12 26.62 2.44 25.10
C SER A 12 25.70 1.37 24.53
N LYS A 13 24.74 0.92 25.33
CA LYS A 13 23.78 -0.09 24.88
C LYS A 13 22.62 0.68 24.23
N ILE A 14 22.25 0.28 23.03
CA ILE A 14 21.21 0.97 22.28
C ILE A 14 19.93 0.15 22.07
N LEU A 15 18.80 0.77 22.40
CA LEU A 15 17.49 0.15 22.23
C LEU A 15 16.80 0.86 21.07
N ILE A 16 16.36 0.10 20.08
CA ILE A 16 15.71 0.70 18.92
C ILE A 16 14.27 0.23 18.73
N PHE A 17 13.34 1.17 18.68
CA PHE A 17 11.94 0.84 18.45
C PHE A 17 11.74 1.01 16.93
N GLY A 18 10.98 0.09 16.34
CA GLY A 18 10.76 0.16 14.90
C GLY A 18 12.00 -0.24 14.13
N GLY A 19 12.87 -1.00 14.78
CA GLY A 19 14.10 -1.45 14.16
C GLY A 19 13.93 -2.27 12.89
N THR A 20 12.78 -2.91 12.72
CA THR A 20 12.52 -3.71 11.52
C THR A 20 11.98 -2.83 10.41
N GLY A 21 11.85 -1.53 10.67
CA GLY A 21 11.30 -0.61 9.70
C GLY A 21 12.15 -0.24 8.51
N TYR A 22 11.54 0.50 7.59
CA TYR A 22 12.22 0.94 6.38
C TYR A 22 13.53 1.65 6.69
N ILE A 23 13.50 2.58 7.63
CA ILE A 23 14.74 3.28 7.99
C ILE A 23 15.33 2.64 9.25
N GLY A 24 14.47 2.09 10.10
CA GLY A 24 14.95 1.46 11.31
C GLY A 24 15.97 0.35 11.12
N ASN A 25 15.79 -0.47 10.08
CA ASN A 25 16.72 -1.58 9.86
C ASN A 25 18.14 -1.10 9.57
N HIS A 26 18.28 0.09 9.02
CA HIS A 26 19.60 0.65 8.74
C HIS A 26 20.24 1.16 10.02
N MET A 27 19.42 1.48 11.01
CA MET A 27 19.93 1.95 12.29
C MET A 27 20.39 0.74 13.10
N VAL A 28 19.66 -0.37 13.00
CA VAL A 28 20.03 -1.58 13.70
C VAL A 28 21.36 -2.07 13.14
N LYS A 29 21.44 -2.14 11.81
CA LYS A 29 22.66 -2.59 11.16
C LYS A 29 23.86 -1.67 11.47
N GLY A 30 23.62 -0.36 11.50
CA GLY A 30 24.69 0.56 11.79
C GLY A 30 25.18 0.44 13.22
N SER A 31 24.23 0.19 14.14
CA SER A 31 24.55 0.06 15.55
C SER A 31 25.44 -1.15 15.78
N LEU A 32 25.11 -2.26 15.13
CA LEU A 32 25.89 -3.50 15.27
C LEU A 32 27.25 -3.37 14.60
N LYS A 33 27.29 -2.67 13.48
CA LYS A 33 28.56 -2.48 12.76
C LYS A 33 29.52 -1.66 13.62
N LEU A 34 28.98 -0.73 14.39
CA LEU A 34 29.80 0.12 15.25
C LEU A 34 30.15 -0.54 16.58
N GLY A 35 29.67 -1.77 16.77
CA GLY A 35 29.98 -2.50 17.99
C GLY A 35 29.14 -2.25 19.23
N HIS A 36 27.97 -1.63 19.05
CA HIS A 36 27.07 -1.35 20.17
C HIS A 36 26.16 -2.51 20.50
N PRO A 37 25.99 -2.82 21.80
CA PRO A 37 25.07 -3.92 22.13
C PRO A 37 23.76 -3.34 21.61
N THR A 38 23.02 -4.11 20.82
CA THR A 38 21.79 -3.59 20.23
C THR A 38 20.53 -4.38 20.54
N TYR A 39 19.54 -3.69 21.09
CA TYR A 39 18.26 -4.30 21.44
C TYR A 39 17.20 -3.83 20.44
N VAL A 40 16.45 -4.77 19.89
CA VAL A 40 15.41 -4.44 18.93
C VAL A 40 14.04 -4.83 19.46
N PHE A 41 13.18 -3.84 19.65
CA PHE A 41 11.83 -4.11 20.14
C PHE A 41 10.95 -4.35 18.92
N THR A 42 10.15 -5.41 18.94
CA THR A 42 9.30 -5.76 17.81
C THR A 42 8.01 -6.41 18.29
N ARG A 43 6.91 -6.21 17.57
CA ARG A 43 5.63 -6.78 17.94
C ARG A 43 5.66 -8.31 17.83
N PRO A 44 4.85 -9.00 18.65
CA PRO A 44 4.81 -10.46 18.61
C PRO A 44 4.30 -11.00 17.28
N ASN A 45 3.45 -10.22 16.61
CA ASN A 45 2.85 -10.65 15.35
C ASN A 45 3.49 -10.04 14.09
N SER A 46 4.66 -9.43 14.23
CA SER A 46 5.34 -8.83 13.09
C SER A 46 5.66 -9.87 12.01
N SER A 47 5.62 -9.45 10.75
CA SER A 47 5.92 -10.34 9.64
C SER A 47 7.38 -10.23 9.25
N LYS A 48 8.14 -9.43 9.99
CA LYS A 48 9.56 -9.23 9.73
C LYS A 48 10.41 -10.37 10.32
N THR A 49 9.87 -11.58 10.31
CA THR A 49 10.55 -12.75 10.86
C THR A 49 11.94 -13.06 10.28
N THR A 50 12.06 -13.03 8.96
CA THR A 50 13.34 -13.32 8.33
C THR A 50 14.35 -12.22 8.63
N LEU A 51 13.87 -10.99 8.72
CA LEU A 51 14.71 -9.84 9.02
C LEU A 51 15.24 -9.95 10.44
N LEU A 52 14.37 -10.35 11.37
CA LEU A 52 14.76 -10.50 12.76
C LEU A 52 15.85 -11.56 12.89
N ASP A 53 15.74 -12.63 12.09
CA ASP A 53 16.73 -13.69 12.13
C ASP A 53 18.07 -13.13 11.68
N GLU A 54 18.03 -12.23 10.70
CA GLU A 54 19.25 -11.61 10.20
C GLU A 54 19.87 -10.74 11.31
N PHE A 55 19.03 -9.94 11.95
CA PHE A 55 19.48 -9.08 13.05
C PHE A 55 20.14 -9.94 14.12
N GLN A 56 19.48 -11.04 14.44
CA GLN A 56 19.98 -11.94 15.47
C GLN A 56 21.33 -12.54 15.10
N SER A 57 21.51 -12.89 13.84
CA SER A 57 22.77 -13.48 13.40
C SER A 57 23.89 -12.43 13.40
N LEU A 58 23.50 -11.16 13.44
CA LEU A 58 24.46 -10.06 13.45
C LEU A 58 24.79 -9.65 14.88
N GLY A 59 24.11 -10.26 15.85
CA GLY A 59 24.37 -9.95 17.25
C GLY A 59 23.29 -9.19 18.00
N ALA A 60 22.22 -8.83 17.33
CA ALA A 60 21.13 -8.09 17.98
C ALA A 60 20.34 -8.92 18.99
N ILE A 61 19.82 -8.26 20.01
CA ILE A 61 19.00 -8.91 21.02
C ILE A 61 17.56 -8.54 20.69
N ILE A 62 16.77 -9.55 20.35
CA ILE A 62 15.38 -9.34 19.97
C ILE A 62 14.44 -9.41 21.17
N VAL A 63 13.64 -8.36 21.33
CA VAL A 63 12.68 -8.30 22.41
C VAL A 63 11.28 -8.13 21.81
N LYS A 64 10.44 -9.15 21.96
CA LYS A 64 9.10 -9.08 21.42
C LYS A 64 8.17 -8.49 22.47
N GLY A 65 7.27 -7.61 22.03
CA GLY A 65 6.35 -6.98 22.95
C GLY A 65 5.53 -5.88 22.32
N GLU A 66 4.59 -5.35 23.07
CA GLU A 66 3.73 -4.28 22.61
C GLU A 66 4.07 -3.01 23.38
N LEU A 67 3.86 -1.85 22.76
CA LEU A 67 4.16 -0.58 23.40
C LEU A 67 3.29 -0.36 24.63
N ASP A 68 2.18 -1.10 24.70
CA ASP A 68 1.24 -1.00 25.82
C ASP A 68 1.74 -1.69 27.08
N GLU A 69 2.81 -2.46 26.95
CA GLU A 69 3.38 -3.17 28.09
C GLU A 69 4.31 -2.26 28.87
N HIS A 70 3.73 -1.30 29.60
CA HIS A 70 4.50 -0.34 30.37
C HIS A 70 5.57 -0.92 31.27
N GLU A 71 5.23 -1.95 32.05
CA GLU A 71 6.20 -2.55 32.95
C GLU A 71 7.38 -3.15 32.18
N LYS A 72 7.08 -3.86 31.10
CA LYS A 72 8.12 -4.46 30.28
C LYS A 72 9.05 -3.37 29.75
N LEU A 73 8.48 -2.26 29.29
CA LEU A 73 9.28 -1.17 28.75
C LEU A 73 10.22 -0.59 29.81
N VAL A 74 9.70 -0.36 31.01
CA VAL A 74 10.53 0.19 32.08
C VAL A 74 11.69 -0.73 32.44
N GLU A 75 11.42 -2.02 32.57
CA GLU A 75 12.47 -2.97 32.91
C GLU A 75 13.51 -3.05 31.81
N LEU A 76 13.07 -2.85 30.57
CA LEU A 76 13.98 -2.89 29.43
C LEU A 76 14.85 -1.62 29.41
N MET A 77 14.22 -0.48 29.68
CA MET A 77 14.93 0.80 29.70
C MET A 77 16.08 0.77 30.71
N LYS A 78 15.85 0.13 31.85
CA LYS A 78 16.87 0.04 32.89
C LYS A 78 18.13 -0.68 32.47
N LYS A 79 18.05 -1.46 31.39
CA LYS A 79 19.20 -2.21 30.91
C LYS A 79 19.99 -1.54 29.79
N VAL A 80 19.47 -0.44 29.26
CA VAL A 80 20.14 0.26 28.16
C VAL A 80 20.52 1.70 28.50
N ASP A 81 21.20 2.36 27.57
CA ASP A 81 21.65 3.73 27.75
C ASP A 81 21.05 4.73 26.77
N VAL A 82 20.86 4.29 25.52
CA VAL A 82 20.33 5.15 24.46
C VAL A 82 19.09 4.53 23.84
N VAL A 83 18.09 5.38 23.57
CA VAL A 83 16.84 4.91 22.96
C VAL A 83 16.63 5.68 21.67
N ILE A 84 16.35 4.94 20.59
CA ILE A 84 16.10 5.55 19.29
C ILE A 84 14.77 5.01 18.80
N SER A 85 13.89 5.91 18.36
CA SER A 85 12.60 5.50 17.84
C SER A 85 12.49 5.77 16.36
N ALA A 86 12.17 4.72 15.60
CA ALA A 86 11.99 4.84 14.15
C ALA A 86 10.58 4.41 13.79
N LEU A 87 9.63 4.70 14.67
CA LEU A 87 8.23 4.36 14.42
C LEU A 87 7.65 5.20 13.29
N ALA A 88 6.60 4.69 12.65
CA ALA A 88 5.95 5.36 11.53
C ALA A 88 4.96 6.46 11.95
N PHE A 89 4.51 7.26 10.97
CA PHE A 89 3.60 8.36 11.25
C PHE A 89 2.36 7.99 12.06
N PRO A 90 1.72 6.85 11.75
CA PRO A 90 0.52 6.48 12.53
C PRO A 90 0.79 6.26 14.01
N GLN A 91 2.04 5.98 14.36
CA GLN A 91 2.43 5.73 15.75
C GLN A 91 3.19 6.87 16.42
N ILE A 92 3.20 8.05 15.83
CA ILE A 92 3.95 9.16 16.44
C ILE A 92 3.57 9.46 17.89
N LEU A 93 2.29 9.61 18.19
CA LEU A 93 1.92 9.92 19.56
C LEU A 93 2.03 8.70 20.47
N ASP A 94 2.15 7.52 19.89
CA ASP A 94 2.33 6.32 20.70
C ASP A 94 3.72 6.36 21.33
N GLN A 95 4.56 7.28 20.86
CA GLN A 95 5.89 7.42 21.43
C GLN A 95 5.81 7.93 22.86
N PHE A 96 4.63 8.42 23.26
CA PHE A 96 4.48 8.89 24.64
C PHE A 96 4.59 7.69 25.57
N LYS A 97 4.33 6.50 25.05
CA LYS A 97 4.45 5.29 25.86
C LYS A 97 5.94 5.03 26.10
N ILE A 98 6.75 5.29 25.08
CA ILE A 98 8.19 5.11 25.20
C ILE A 98 8.72 6.18 26.17
N LEU A 99 8.27 7.42 25.98
CA LEU A 99 8.72 8.51 26.84
C LEU A 99 8.37 8.29 28.31
N GLU A 100 7.19 7.74 28.58
CA GLU A 100 6.76 7.50 29.95
C GLU A 100 7.71 6.48 30.61
N ALA A 101 8.07 5.44 29.87
CA ALA A 101 8.98 4.42 30.40
C ALA A 101 10.36 5.04 30.63
N ILE A 102 10.80 5.89 29.71
CA ILE A 102 12.10 6.54 29.85
C ILE A 102 12.14 7.35 31.15
N LYS A 103 11.07 8.11 31.39
CA LYS A 103 10.97 8.94 32.59
C LYS A 103 10.99 8.10 33.87
N VAL A 104 10.25 7.00 33.89
CA VAL A 104 10.22 6.13 35.06
C VAL A 104 11.57 5.47 35.33
N ALA A 105 12.21 4.94 34.28
CA ALA A 105 13.49 4.27 34.42
C ALA A 105 14.55 5.25 34.95
N GLY A 106 14.60 6.44 34.35
CA GLY A 106 15.53 7.48 34.79
C GLY A 106 16.99 7.38 34.42
N ASN A 107 17.41 6.30 33.79
CA ASN A 107 18.82 6.11 33.43
C ASN A 107 19.19 6.37 31.98
N ILE A 108 18.22 6.72 31.15
CA ILE A 108 18.49 6.96 29.75
C ILE A 108 19.36 8.19 29.52
N LYS A 109 20.43 7.99 28.74
CA LYS A 109 21.39 9.05 28.45
C LYS A 109 21.08 9.87 27.20
N ARG A 110 20.29 9.32 26.29
CA ARG A 110 19.94 10.04 25.08
C ARG A 110 18.72 9.40 24.40
N PHE A 111 17.78 10.23 23.98
CA PHE A 111 16.58 9.76 23.29
C PHE A 111 16.47 10.47 21.95
N LEU A 112 16.31 9.69 20.88
CA LEU A 112 16.14 10.25 19.55
C LEU A 112 14.74 9.87 19.08
N PRO A 113 13.80 10.82 19.09
CA PRO A 113 12.44 10.51 18.65
C PRO A 113 12.41 10.28 17.14
N SER A 114 11.29 9.77 16.63
CA SER A 114 11.16 9.52 15.22
C SER A 114 10.87 10.77 14.41
N ASP A 115 11.94 11.46 14.03
CA ASP A 115 11.84 12.67 13.20
C ASP A 115 12.30 12.17 11.83
N PHE A 116 13.60 12.24 11.57
CA PHE A 116 14.19 11.74 10.33
C PHE A 116 13.59 12.26 9.02
N GLY A 117 13.32 13.56 8.97
CA GLY A 117 12.77 14.16 7.76
C GLY A 117 13.04 15.66 7.75
N VAL A 118 11.99 16.45 7.52
CA VAL A 118 12.11 17.90 7.51
C VAL A 118 12.35 18.39 8.93
N GLU A 119 12.84 19.63 9.07
CA GLU A 119 13.07 20.20 10.39
C GLU A 119 11.75 20.91 10.72
N GLU A 120 10.84 20.17 11.32
CA GLU A 120 9.50 20.70 11.63
C GLU A 120 9.41 21.93 12.52
N ASP A 121 10.47 22.24 13.27
CA ASP A 121 10.39 23.42 14.12
C ASP A 121 10.72 24.72 13.39
N ARG A 122 11.08 24.64 12.12
CA ARG A 122 11.37 25.87 11.37
C ARG A 122 10.65 25.94 10.02
N ILE A 123 9.83 24.93 9.72
CA ILE A 123 9.08 24.95 8.47
C ILE A 123 7.63 24.57 8.71
N ASN A 124 6.75 24.99 7.80
CA ASN A 124 5.33 24.68 7.88
C ASN A 124 4.92 24.07 6.55
N ALA A 125 3.84 23.29 6.55
CA ALA A 125 3.38 22.64 5.32
C ALA A 125 1.88 22.79 5.15
N LEU A 126 1.35 22.19 4.07
CA LEU A 126 -0.08 22.23 3.83
C LEU A 126 -0.74 21.35 4.90
N PRO A 127 -1.96 21.71 5.31
CA PRO A 127 -2.75 21.00 6.33
C PRO A 127 -2.60 19.49 6.47
N PRO A 128 -2.70 18.73 5.36
CA PRO A 128 -2.57 17.28 5.49
C PRO A 128 -1.25 16.84 6.14
N PHE A 129 -0.16 17.48 5.75
CA PHE A 129 1.16 17.14 6.29
C PHE A 129 1.46 17.93 7.56
N GLU A 130 1.03 19.19 7.62
CA GLU A 130 1.25 20.03 8.80
C GLU A 130 0.71 19.34 10.06
N ALA A 131 -0.46 18.75 9.94
CA ALA A 131 -1.08 18.07 11.08
C ALA A 131 -0.22 16.91 11.57
N LEU A 132 0.48 16.25 10.65
CA LEU A 132 1.34 15.13 11.02
C LEU A 132 2.64 15.60 11.67
N ILE A 133 3.30 16.61 11.11
CA ILE A 133 4.55 17.06 11.73
C ILE A 133 4.30 17.77 13.05
N GLU A 134 3.06 18.23 13.27
CA GLU A 134 2.74 18.88 14.54
C GLU A 134 2.82 17.78 15.62
N ARG A 135 2.48 16.55 15.25
CA ARG A 135 2.55 15.45 16.19
C ARG A 135 4.00 15.20 16.61
N LYS A 136 4.92 15.40 15.68
CA LYS A 136 6.33 15.21 15.99
C LYS A 136 6.80 16.37 16.88
N ARG A 137 6.25 17.57 16.67
CA ARG A 137 6.62 18.71 17.51
C ARG A 137 6.14 18.44 18.94
N MET A 138 4.95 17.84 19.07
CA MET A 138 4.40 17.54 20.39
C MET A 138 5.35 16.66 21.19
N ILE A 139 5.97 15.70 20.52
CA ILE A 139 6.92 14.80 21.17
C ILE A 139 8.14 15.59 21.64
N ARG A 140 8.63 16.48 20.78
CA ARG A 140 9.78 17.29 21.14
C ARG A 140 9.51 18.17 22.36
N ARG A 141 8.34 18.80 22.37
CA ARG A 141 8.00 19.68 23.49
C ARG A 141 7.93 18.91 24.81
N ALA A 142 7.43 17.68 24.74
CA ALA A 142 7.32 16.86 25.95
C ALA A 142 8.70 16.43 26.44
N ILE A 143 9.59 16.15 25.48
CA ILE A 143 10.96 15.76 25.79
C ILE A 143 11.65 16.90 26.52
N GLU A 144 11.50 18.11 25.99
CA GLU A 144 12.12 19.30 26.58
C GLU A 144 11.54 19.64 27.94
N GLU A 145 10.24 19.49 28.08
CA GLU A 145 9.56 19.78 29.34
C GLU A 145 10.05 18.85 30.45
N ALA A 146 10.37 17.62 30.09
CA ALA A 146 10.83 16.64 31.07
C ALA A 146 12.35 16.60 31.22
N ASN A 147 13.04 17.49 30.51
CA ASN A 147 14.50 17.56 30.59
C ASN A 147 15.17 16.24 30.20
N ILE A 148 14.60 15.54 29.23
CA ILE A 148 15.17 14.28 28.77
C ILE A 148 16.25 14.61 27.74
N PRO A 149 17.48 14.09 27.91
CA PRO A 149 18.56 14.37 26.96
C PRO A 149 18.16 13.87 25.58
N TYR A 150 18.40 14.69 24.56
CA TYR A 150 17.95 14.33 23.22
C TYR A 150 18.83 14.77 22.07
N THR A 151 18.43 14.29 20.89
CA THR A 151 19.05 14.68 19.63
C THR A 151 17.89 14.57 18.65
N TYR A 152 17.64 15.66 17.92
CA TYR A 152 16.58 15.71 16.93
C TYR A 152 17.25 15.62 15.56
N VAL A 153 16.98 14.55 14.82
CA VAL A 153 17.60 14.36 13.53
C VAL A 153 16.74 14.74 12.33
N SER A 154 17.17 15.73 11.56
CA SER A 154 16.48 16.12 10.35
C SER A 154 17.31 15.45 9.27
N ALA A 155 16.85 14.30 8.80
CA ALA A 155 17.59 13.54 7.79
C ALA A 155 17.36 13.99 6.36
N ASN A 156 16.40 14.90 6.18
CA ASN A 156 16.01 15.38 4.87
C ASN A 156 15.42 14.20 4.06
N CYS A 157 15.47 14.24 2.73
CA CYS A 157 14.85 13.17 1.94
C CYS A 157 15.57 11.83 1.91
N PHE A 158 14.81 10.74 2.09
CA PHE A 158 15.38 9.39 2.01
C PHE A 158 15.65 9.24 0.50
N ALA A 159 16.92 9.09 0.13
CA ALA A 159 17.31 9.02 -1.28
C ALA A 159 16.77 7.88 -2.13
N SER A 160 16.91 6.64 -1.67
CA SER A 160 16.42 5.52 -2.48
C SER A 160 14.92 5.67 -2.64
N TYR A 161 14.26 6.06 -1.55
CA TYR A 161 12.83 6.24 -1.51
C TYR A 161 12.37 7.23 -2.57
N PHE A 162 12.94 8.43 -2.57
CA PHE A 162 12.52 9.44 -3.53
C PHE A 162 13.10 9.36 -4.94
N ILE A 163 14.23 8.68 -5.11
CA ILE A 163 14.76 8.49 -6.45
C ILE A 163 13.75 7.53 -7.09
N ASN A 164 13.30 6.52 -6.33
CA ASN A 164 12.31 5.59 -6.87
C ASN A 164 11.01 6.31 -7.17
N TYR A 165 10.59 7.19 -6.26
CA TYR A 165 9.35 7.91 -6.43
C TYR A 165 9.33 8.90 -7.59
N LEU A 166 10.41 9.68 -7.72
CA LEU A 166 10.50 10.68 -8.78
C LEU A 166 10.87 10.15 -10.15
N LEU A 167 11.82 9.21 -10.20
CA LEU A 167 12.28 8.67 -11.46
C LEU A 167 11.64 7.35 -11.88
N ARG A 168 11.03 6.64 -10.94
CA ARG A 168 10.39 5.35 -11.25
C ARG A 168 11.33 4.61 -12.22
N PRO A 169 12.59 4.42 -11.83
CA PRO A 169 13.62 3.75 -12.64
C PRO A 169 13.25 2.38 -13.18
N TYR A 170 12.37 1.68 -12.48
CA TYR A 170 11.92 0.35 -12.87
C TYR A 170 10.79 0.43 -13.90
N ASP A 171 10.47 1.63 -14.35
CA ASP A 171 9.39 1.85 -15.32
C ASP A 171 9.93 2.28 -16.68
N PRO A 172 9.67 1.50 -17.73
CA PRO A 172 10.14 1.82 -19.08
C PRO A 172 9.38 2.95 -19.81
N LYS A 173 8.59 3.71 -19.07
CA LYS A 173 7.82 4.81 -19.67
C LYS A 173 8.74 5.87 -20.28
N ASP A 174 8.21 6.65 -21.21
CA ASP A 174 8.99 7.69 -21.88
C ASP A 174 8.74 9.10 -21.34
N GLU A 175 7.91 9.20 -20.30
CA GLU A 175 7.62 10.50 -19.69
C GLU A 175 7.92 10.46 -18.20
N ILE A 176 8.15 11.64 -17.63
CA ILE A 176 8.42 11.77 -16.20
C ILE A 176 7.67 12.96 -15.64
N THR A 177 7.02 12.75 -14.51
CA THR A 177 6.25 13.82 -13.88
C THR A 177 7.14 14.76 -13.08
N VAL A 178 6.94 16.06 -13.26
CA VAL A 178 7.69 17.07 -12.54
C VAL A 178 6.67 17.86 -11.73
N TYR A 179 6.91 18.00 -10.44
CA TYR A 179 6.00 18.72 -9.57
C TYR A 179 6.39 20.20 -9.49
N GLY A 180 5.49 21.06 -9.92
CA GLY A 180 5.77 22.48 -9.92
C GLY A 180 6.76 22.79 -11.04
N THR A 181 7.53 23.85 -10.89
CA THR A 181 8.52 24.22 -11.90
C THR A 181 9.67 23.22 -11.94
N GLY A 182 9.90 22.56 -10.80
CA GLY A 182 10.98 21.60 -10.70
C GLY A 182 12.32 22.24 -10.39
N GLU A 183 12.29 23.55 -10.11
CA GLU A 183 13.52 24.28 -9.82
C GLU A 183 13.82 24.40 -8.33
N ALA A 184 12.94 23.89 -7.49
CA ALA A 184 13.15 23.95 -6.04
C ALA A 184 14.24 22.97 -5.64
N LYS A 185 15.13 23.39 -4.76
CA LYS A 185 16.21 22.52 -4.31
C LYS A 185 15.80 21.63 -3.15
N PHE A 186 16.42 20.46 -3.07
CA PHE A 186 16.17 19.54 -1.96
C PHE A 186 17.42 18.75 -1.70
N ALA A 187 17.55 18.23 -0.48
CA ALA A 187 18.70 17.44 -0.10
C ALA A 187 18.20 16.01 0.14
N MET A 188 18.93 15.03 -0.38
CA MET A 188 18.53 13.64 -0.18
C MET A 188 19.73 12.79 0.18
N ASN A 189 19.54 11.91 1.16
CA ASN A 189 20.59 11.05 1.67
C ASN A 189 20.27 9.56 1.63
N TYR A 190 21.30 8.77 1.37
CA TYR A 190 21.18 7.31 1.30
C TYR A 190 20.78 6.74 2.65
N GLU A 191 19.74 5.91 2.64
CA GLU A 191 19.22 5.29 3.86
C GLU A 191 20.28 4.62 4.74
N GLN A 192 21.20 3.90 4.09
CA GLN A 192 22.26 3.23 4.83
C GLN A 192 23.11 4.23 5.62
N ASP A 193 23.37 5.38 5.02
CA ASP A 193 24.17 6.41 5.67
C ASP A 193 23.38 7.09 6.78
N ILE A 194 22.09 7.33 6.54
CA ILE A 194 21.23 7.94 7.54
C ILE A 194 21.28 7.05 8.78
N GLY A 195 21.23 5.74 8.56
CA GLY A 195 21.28 4.81 9.67
C GLY A 195 22.59 4.86 10.45
N LEU A 196 23.71 4.84 9.74
CA LEU A 196 25.02 4.87 10.39
C LEU A 196 25.29 6.17 11.13
N TYR A 197 25.06 7.30 10.45
CA TYR A 197 25.28 8.61 11.07
C TYR A 197 24.38 8.82 12.30
N THR A 198 23.16 8.28 12.25
CA THR A 198 22.24 8.44 13.38
C THR A 198 22.81 7.75 14.62
N ILE A 199 23.38 6.56 14.48
CA ILE A 199 23.96 5.89 15.64
C ILE A 199 25.15 6.70 16.17
N LYS A 200 25.96 7.22 15.25
CA LYS A 200 27.12 8.01 15.62
C LYS A 200 26.75 9.24 16.43
N VAL A 201 25.79 10.03 15.96
CA VAL A 201 25.44 11.24 16.68
C VAL A 201 24.76 10.95 18.00
N ALA A 202 24.11 9.80 18.10
CA ALA A 202 23.39 9.42 19.32
C ALA A 202 24.30 9.32 20.55
N THR A 203 25.60 9.19 20.35
CA THR A 203 26.52 9.11 21.49
C THR A 203 27.56 10.23 21.45
N ASP A 204 27.54 10.99 20.37
CA ASP A 204 28.49 12.09 20.18
C ASP A 204 28.07 13.28 21.06
N PRO A 205 28.95 13.71 21.97
CA PRO A 205 28.62 14.85 22.85
C PRO A 205 28.26 16.12 22.07
N ARG A 206 28.82 16.25 20.87
CA ARG A 206 28.57 17.41 20.04
C ARG A 206 27.11 17.48 19.55
N ALA A 207 26.38 16.38 19.73
CA ALA A 207 24.98 16.32 19.31
C ALA A 207 24.01 16.30 20.49
N LEU A 208 24.55 16.33 21.70
CA LEU A 208 23.69 16.32 22.89
C LEU A 208 22.78 17.54 22.95
N ASN A 209 21.47 17.29 23.04
CA ASN A 209 20.46 18.33 23.10
C ASN A 209 20.54 19.33 21.96
N ARG A 210 20.72 18.81 20.76
CA ARG A 210 20.81 19.66 19.60
C ARG A 210 20.06 19.09 18.41
N VAL A 211 19.84 19.94 17.43
CA VAL A 211 19.20 19.56 16.19
C VAL A 211 20.37 19.24 15.26
N VAL A 212 20.35 18.03 14.70
CA VAL A 212 21.39 17.59 13.78
C VAL A 212 20.71 17.47 12.41
N ILE A 213 21.29 18.09 11.41
CA ILE A 213 20.73 18.08 10.06
C ILE A 213 21.70 17.38 9.11
N TYR A 214 21.16 16.52 8.25
CA TYR A 214 22.00 15.83 7.27
C TYR A 214 21.91 16.57 5.94
N ARG A 215 22.88 17.43 5.67
CA ARG A 215 22.86 18.17 4.42
C ARG A 215 24.23 18.24 3.76
N PRO A 216 24.73 17.09 3.29
CA PRO A 216 26.05 17.12 2.63
C PRO A 216 25.92 17.92 1.34
N SER A 217 26.94 18.73 1.02
CA SER A 217 26.90 19.57 -0.17
C SER A 217 26.80 18.83 -1.51
N THR A 218 27.16 17.55 -1.50
CA THR A 218 27.14 16.71 -2.69
C THR A 218 25.77 16.09 -2.90
N ASN A 219 24.83 16.38 -2.02
CA ASN A 219 23.50 15.80 -2.10
C ASN A 219 22.35 16.79 -2.21
N ILE A 220 22.62 17.94 -2.81
CA ILE A 220 21.61 18.98 -3.00
C ILE A 220 21.35 19.05 -4.50
N ILE A 221 20.07 19.02 -4.88
CA ILE A 221 19.73 19.01 -6.29
C ILE A 221 18.28 19.45 -6.50
N THR A 222 17.90 19.65 -7.76
CA THR A 222 16.51 20.02 -8.10
C THR A 222 15.93 18.86 -8.90
N GLN A 223 14.61 18.83 -9.07
CA GLN A 223 13.99 17.76 -9.86
C GLN A 223 14.52 17.74 -11.28
N LEU A 224 14.65 18.93 -11.87
CA LEU A 224 15.13 19.04 -13.24
C LEU A 224 16.56 18.54 -13.38
N GLU A 225 17.41 18.88 -12.41
CA GLU A 225 18.80 18.44 -12.46
C GLU A 225 18.92 16.93 -12.25
N LEU A 226 18.08 16.37 -11.37
CA LEU A 226 18.10 14.93 -11.12
C LEU A 226 17.74 14.18 -12.40
N ILE A 227 16.72 14.66 -13.09
CA ILE A 227 16.29 14.04 -14.32
C ILE A 227 17.38 14.13 -15.38
N SER A 228 17.99 15.30 -15.52
CA SER A 228 19.06 15.49 -16.50
C SER A 228 20.22 14.54 -16.27
N ARG A 229 20.62 14.39 -15.02
CA ARG A 229 21.73 13.50 -14.70
C ARG A 229 21.37 12.03 -14.89
N TRP A 230 20.11 11.68 -14.64
CA TRP A 230 19.67 10.29 -14.82
C TRP A 230 19.66 9.97 -16.32
N GLU A 231 19.17 10.91 -17.13
CA GLU A 231 19.13 10.72 -18.57
C GLU A 231 20.53 10.40 -19.10
N LYS A 232 21.51 11.15 -18.61
CA LYS A 232 22.90 10.93 -19.04
C LYS A 232 23.40 9.56 -18.61
N LYS A 233 23.04 9.13 -17.41
CA LYS A 233 23.47 7.84 -16.87
C LYS A 233 22.94 6.64 -17.67
N ILE A 234 21.69 6.70 -18.10
CA ILE A 234 21.09 5.58 -18.82
C ILE A 234 20.94 5.76 -20.32
N GLY A 235 21.33 6.93 -20.83
CA GLY A 235 21.26 7.18 -22.27
C GLY A 235 19.87 7.25 -22.85
N LYS A 236 18.94 7.83 -22.10
CA LYS A 236 17.56 7.95 -22.56
C LYS A 236 17.00 9.31 -22.18
N LYS A 237 16.14 9.85 -23.05
CA LYS A 237 15.53 11.15 -22.82
C LYS A 237 14.05 10.96 -22.48
N PHE A 238 13.56 11.77 -21.54
CA PHE A 238 12.18 11.69 -21.12
C PHE A 238 11.41 12.96 -21.45
N LYS A 239 10.10 12.83 -21.63
CA LYS A 239 9.24 13.97 -21.88
C LYS A 239 8.79 14.42 -20.50
N LYS A 240 9.12 15.65 -20.12
CA LYS A 240 8.76 16.16 -18.80
C LYS A 240 7.34 16.74 -18.72
N ILE A 241 6.50 16.09 -17.92
CA ILE A 241 5.12 16.53 -17.74
C ILE A 241 4.99 17.22 -16.37
N HIS A 242 4.73 18.51 -16.38
CA HIS A 242 4.59 19.28 -15.15
C HIS A 242 3.19 19.32 -14.58
N VAL A 243 3.11 19.34 -13.25
CA VAL A 243 1.85 19.46 -12.54
C VAL A 243 2.01 20.79 -11.82
N PRO A 244 1.34 21.84 -12.32
CA PRO A 244 1.41 23.18 -11.74
C PRO A 244 1.19 23.20 -10.22
N GLU A 245 1.87 24.11 -9.54
CA GLU A 245 1.72 24.20 -8.09
C GLU A 245 0.29 24.41 -7.64
N GLU A 246 -0.42 25.35 -8.27
CA GLU A 246 -1.80 25.58 -7.87
C GLU A 246 -2.64 24.32 -8.01
N GLU A 247 -2.23 23.40 -8.88
CA GLU A 247 -2.96 22.16 -9.07
C GLU A 247 -2.71 21.20 -7.92
N ILE A 248 -1.46 21.12 -7.48
CA ILE A 248 -1.09 20.26 -6.36
C ILE A 248 -1.85 20.70 -5.10
N VAL A 249 -1.93 22.02 -4.90
CA VAL A 249 -2.62 22.56 -3.74
C VAL A 249 -4.09 22.17 -3.70
N ALA A 250 -4.76 22.24 -4.85
CA ALA A 250 -6.18 21.90 -4.93
C ALA A 250 -6.43 20.47 -4.46
N LEU A 251 -5.60 19.54 -4.93
CA LEU A 251 -5.72 18.12 -4.58
C LEU A 251 -5.74 17.86 -3.07
N THR A 252 -4.90 18.58 -2.34
CA THR A 252 -4.82 18.41 -0.89
C THR A 252 -6.11 18.81 -0.18
N LYS A 253 -6.94 19.59 -0.86
CA LYS A 253 -8.20 20.06 -0.28
C LYS A 253 -9.38 19.20 -0.68
N GLU A 254 -9.25 18.45 -1.77
CA GLU A 254 -10.34 17.60 -2.24
C GLU A 254 -10.04 16.12 -2.08
N LEU A 255 -8.87 15.68 -2.54
CA LEU A 255 -8.48 14.28 -2.37
C LEU A 255 -8.65 14.01 -0.88
N PRO A 256 -9.23 12.85 -0.52
CA PRO A 256 -9.40 12.57 0.90
C PRO A 256 -8.14 11.97 1.51
N GLU A 257 -8.18 11.80 2.84
CA GLU A 257 -7.07 11.22 3.57
C GLU A 257 -7.18 9.70 3.46
N PRO A 258 -6.05 8.98 3.38
CA PRO A 258 -4.66 9.43 3.39
C PRO A 258 -4.08 9.80 2.02
N GLU A 259 -4.89 9.74 0.97
CA GLU A 259 -4.43 10.05 -0.37
C GLU A 259 -3.84 11.46 -0.55
N ASN A 260 -4.35 12.44 0.18
CA ASN A 260 -3.85 13.81 0.05
C ASN A 260 -2.53 14.08 0.78
N ILE A 261 -2.12 13.18 1.67
CA ILE A 261 -0.89 13.36 2.42
C ILE A 261 0.36 13.31 1.56
N PRO A 262 0.51 12.28 0.70
CA PRO A 262 1.69 12.20 -0.17
C PRO A 262 1.81 13.45 -1.05
N ILE A 263 0.67 13.95 -1.50
CA ILE A 263 0.62 15.14 -2.35
C ILE A 263 1.12 16.35 -1.56
N ALA A 264 0.68 16.47 -0.32
CA ALA A 264 1.10 17.58 0.54
C ALA A 264 2.61 17.47 0.80
N ILE A 265 3.09 16.25 0.98
CA ILE A 265 4.52 16.05 1.22
C ILE A 265 5.32 16.45 -0.02
N LEU A 266 4.82 16.07 -1.20
CA LEU A 266 5.51 16.43 -2.43
C LEU A 266 5.60 17.94 -2.59
N HIS A 267 4.55 18.65 -2.18
CA HIS A 267 4.55 20.11 -2.27
C HIS A 267 5.61 20.68 -1.34
N CYS A 268 5.67 20.13 -0.13
CA CYS A 268 6.61 20.59 0.88
C CYS A 268 8.07 20.39 0.44
N LEU A 269 8.37 19.18 0.00
CA LEU A 269 9.73 18.83 -0.39
C LEU A 269 10.21 19.35 -1.73
N PHE A 270 9.34 19.29 -2.73
CA PHE A 270 9.73 19.64 -4.08
C PHE A 270 9.19 20.91 -4.73
N ILE A 271 8.29 21.61 -4.05
CA ILE A 271 7.76 22.86 -4.60
C ILE A 271 8.18 24.00 -3.67
N ASP A 272 7.92 23.83 -2.38
CA ASP A 272 8.32 24.83 -1.40
C ASP A 272 9.82 24.71 -1.11
N GLY A 273 10.38 23.52 -1.36
CA GLY A 273 11.80 23.29 -1.12
C GLY A 273 12.17 23.42 0.35
N ALA A 274 11.32 22.85 1.21
CA ALA A 274 11.49 22.90 2.65
C ALA A 274 12.80 22.40 3.25
N THR A 275 13.48 21.47 2.57
CA THR A 275 14.72 20.96 3.12
C THR A 275 15.89 21.89 2.81
N MET A 276 15.66 22.88 1.95
CA MET A 276 16.71 23.82 1.56
C MET A 276 16.29 25.29 1.63
N SER A 277 15.16 25.55 2.28
CA SER A 277 14.64 26.92 2.38
C SER A 277 15.18 27.75 3.53
N TYR A 278 16.10 27.19 4.31
CA TYR A 278 16.64 27.91 5.45
C TYR A 278 18.16 27.86 5.56
N ASP A 279 18.72 28.77 6.35
CA ASP A 279 20.16 28.80 6.58
C ASP A 279 20.36 28.21 7.98
N PHE A 280 21.53 27.63 8.21
CA PHE A 280 21.82 27.02 9.50
C PHE A 280 21.84 28.03 10.65
N LYS A 281 21.38 27.59 11.80
CA LYS A 281 21.35 28.43 13.00
C LYS A 281 22.66 28.22 13.76
N GLU A 282 22.90 29.08 14.74
CA GLU A 282 24.12 29.00 15.55
C GLU A 282 24.34 27.63 16.17
N ASN A 283 23.29 27.09 16.79
CA ASN A 283 23.39 25.80 17.46
C ASN A 283 23.12 24.55 16.62
N ASP A 284 22.83 24.73 15.34
CA ASP A 284 22.59 23.57 14.47
C ASP A 284 23.89 22.82 14.26
N VAL A 285 23.78 21.53 13.97
CA VAL A 285 24.94 20.71 13.69
C VAL A 285 24.66 20.02 12.36
N GLU A 286 25.51 20.23 11.37
CA GLU A 286 25.32 19.58 10.08
C GLU A 286 26.26 18.37 10.19
N ALA A 287 25.66 17.18 10.14
CA ALA A 287 26.39 15.94 10.34
C ALA A 287 27.57 15.59 9.45
N SER A 288 27.54 15.96 8.17
CA SER A 288 28.64 15.59 7.29
C SER A 288 29.99 16.17 7.74
N THR A 289 29.94 17.21 8.57
CA THR A 289 31.15 17.86 9.05
C THR A 289 31.75 17.22 10.30
N LEU A 290 31.04 16.25 10.87
CA LEU A 290 31.47 15.62 12.11
C LEU A 290 32.55 14.55 12.12
N TYR A 291 32.56 13.68 11.12
CA TYR A 291 33.51 12.57 11.10
C TYR A 291 34.39 12.54 9.86
N PRO A 292 35.69 12.82 10.02
CA PRO A 292 36.61 12.81 8.88
C PRO A 292 36.83 11.44 8.23
N GLU A 293 36.47 10.38 8.95
CA GLU A 293 36.64 9.01 8.44
C GLU A 293 35.42 8.54 7.66
N LEU A 294 34.35 9.34 7.69
CA LEU A 294 33.12 8.99 7.00
C LEU A 294 32.64 10.06 6.03
N LYS A 295 31.76 9.66 5.12
CA LYS A 295 31.17 10.60 4.17
C LYS A 295 29.85 10.02 3.67
N PHE A 296 28.93 10.90 3.32
CA PHE A 296 27.63 10.48 2.79
C PHE A 296 27.78 10.07 1.33
N THR A 297 27.11 9.00 0.94
CA THR A 297 27.14 8.56 -0.45
C THR A 297 26.55 9.72 -1.25
N THR A 298 27.26 10.15 -2.30
CA THR A 298 26.83 11.28 -3.11
C THR A 298 25.72 10.95 -4.09
N ILE A 299 25.13 11.98 -4.68
CA ILE A 299 24.05 11.77 -5.64
C ILE A 299 24.55 10.98 -6.85
N ASP A 300 25.78 11.25 -7.30
CA ASP A 300 26.28 10.53 -8.45
C ASP A 300 26.47 9.06 -8.10
N GLU A 301 26.94 8.78 -6.89
CA GLU A 301 27.15 7.40 -6.45
C GLU A 301 25.80 6.71 -6.32
N LEU A 302 24.78 7.47 -5.91
CA LEU A 302 23.43 6.94 -5.76
C LEU A 302 22.88 6.55 -7.13
N LEU A 303 23.07 7.41 -8.12
CA LEU A 303 22.58 7.10 -9.45
C LEU A 303 23.29 5.85 -9.98
N ASP A 304 24.57 5.67 -9.66
CA ASP A 304 25.30 4.50 -10.11
C ASP A 304 24.69 3.25 -9.46
N ILE A 305 24.29 3.36 -8.20
CA ILE A 305 23.67 2.24 -7.51
C ILE A 305 22.37 1.86 -8.22
N PHE A 306 21.61 2.87 -8.66
CA PHE A 306 20.37 2.59 -9.36
C PHE A 306 20.58 2.01 -10.74
N VAL A 307 21.78 2.22 -11.30
CA VAL A 307 22.08 1.66 -12.61
C VAL A 307 22.48 0.20 -12.47
N HIS A 308 23.32 -0.10 -11.48
CA HIS A 308 23.83 -1.44 -11.26
C HIS A 308 23.03 -2.41 -10.39
N ASP A 309 22.47 -1.91 -9.29
CA ASP A 309 21.71 -2.76 -8.38
C ASP A 309 20.70 -1.93 -7.61
N PRO A 310 19.68 -1.42 -8.31
CA PRO A 310 18.63 -0.59 -7.73
C PRO A 310 17.80 -1.24 -6.62
N PRO A 311 17.62 -0.50 -5.50
CA PRO A 311 16.84 -1.01 -4.38
C PRO A 311 15.36 -0.85 -4.74
N PRO A 312 14.50 -1.75 -4.23
CA PRO A 312 13.06 -1.69 -4.51
C PRO A 312 12.37 -0.45 -3.96
N PRO A 313 11.29 0.00 -4.62
CA PRO A 313 10.55 1.17 -4.17
C PRO A 313 9.78 0.88 -2.88
N ALA A 314 9.42 1.95 -2.16
CA ALA A 314 8.69 1.79 -0.91
C ALA A 314 7.64 2.89 -0.80
N SER A 315 6.65 2.66 0.05
CA SER A 315 5.58 3.62 0.26
C SER A 315 5.35 3.71 1.77
N ALA A 316 5.56 4.90 2.33
CA ALA A 316 5.38 5.10 3.77
C ALA A 316 3.93 4.89 4.20
N ALA A 317 3.75 4.56 5.48
CA ALA A 317 2.42 4.34 6.02
C ALA A 317 1.83 5.64 6.55
N PHE A 318 0.56 5.88 6.26
CA PHE A 318 -0.12 7.09 6.72
C PHE A 318 -1.48 6.77 7.31
N GLY B 9 -18.30 -36.79 -3.66
CA GLY B 9 -18.82 -37.86 -4.55
C GLY B 9 -18.68 -37.50 -6.02
N MET B 10 -19.74 -36.94 -6.58
CA MET B 10 -19.74 -36.53 -7.99
C MET B 10 -19.36 -35.07 -8.11
N LYS B 11 -19.17 -34.41 -6.98
CA LYS B 11 -18.81 -32.99 -6.93
C LYS B 11 -17.55 -32.72 -7.75
N SER B 12 -17.63 -31.74 -8.64
CA SER B 12 -16.49 -31.38 -9.47
C SER B 12 -15.35 -30.91 -8.57
N LYS B 13 -14.12 -31.22 -8.95
CA LYS B 13 -12.94 -30.80 -8.20
C LYS B 13 -12.56 -29.43 -8.73
N ILE B 14 -12.35 -28.48 -7.82
CA ILE B 14 -12.04 -27.11 -8.19
C ILE B 14 -10.63 -26.65 -7.79
N LEU B 15 -9.92 -26.06 -8.75
CA LEU B 15 -8.57 -25.53 -8.54
C LEU B 15 -8.67 -24.01 -8.59
N ILE B 16 -8.20 -23.36 -7.55
CA ILE B 16 -8.26 -21.91 -7.49
C ILE B 16 -6.89 -21.24 -7.42
N PHE B 17 -6.62 -20.33 -8.36
CA PHE B 17 -5.37 -19.58 -8.36
C PHE B 17 -5.69 -18.26 -7.67
N GLY B 18 -4.76 -17.79 -6.83
CA GLY B 18 -5.00 -16.55 -6.11
C GLY B 18 -6.01 -16.75 -5.00
N GLY B 19 -6.16 -18.00 -4.57
CA GLY B 19 -7.11 -18.34 -3.52
C GLY B 19 -6.90 -17.64 -2.19
N THR B 20 -5.68 -17.19 -1.92
CA THR B 20 -5.40 -16.48 -0.67
C THR B 20 -5.70 -14.99 -0.83
N GLY B 21 -6.15 -14.61 -2.03
CA GLY B 21 -6.43 -13.22 -2.34
C GLY B 21 -7.63 -12.57 -1.66
N TYR B 22 -7.76 -11.26 -1.85
CA TYR B 22 -8.85 -10.50 -1.26
C TYR B 22 -10.20 -11.12 -1.61
N ILE B 23 -10.41 -11.43 -2.89
CA ILE B 23 -11.69 -12.04 -3.28
C ILE B 23 -11.53 -13.55 -3.36
N GLY B 24 -10.32 -14.00 -3.72
CA GLY B 24 -10.06 -15.41 -3.84
C GLY B 24 -10.36 -16.23 -2.58
N ASN B 25 -10.11 -15.67 -1.41
CA ASN B 25 -10.35 -16.43 -0.18
C ASN B 25 -11.83 -16.76 0.02
N HIS B 26 -12.70 -15.93 -0.53
CA HIS B 26 -14.13 -16.16 -0.42
C HIS B 26 -14.57 -17.25 -1.39
N MET B 27 -13.80 -17.43 -2.46
CA MET B 27 -14.12 -18.47 -3.43
C MET B 27 -13.68 -19.80 -2.85
N VAL B 28 -12.55 -19.83 -2.16
CA VAL B 28 -12.07 -21.05 -1.54
C VAL B 28 -13.08 -21.47 -0.47
N LYS B 29 -13.44 -20.54 0.40
CA LYS B 29 -14.41 -20.84 1.45
C LYS B 29 -15.75 -21.27 0.89
N GLY B 30 -16.21 -20.61 -0.17
CA GLY B 30 -17.48 -20.98 -0.77
C GLY B 30 -17.43 -22.36 -1.39
N SER B 31 -16.29 -22.70 -1.99
CA SER B 31 -16.11 -24.00 -2.62
C SER B 31 -16.18 -25.12 -1.59
N LEU B 32 -15.51 -24.92 -0.46
CA LEU B 32 -15.49 -25.93 0.61
C LEU B 32 -16.86 -26.07 1.26
N LYS B 33 -17.57 -24.95 1.40
CA LYS B 33 -18.89 -24.96 2.02
C LYS B 33 -19.86 -25.74 1.14
N LEU B 34 -19.67 -25.66 -0.17
CA LEU B 34 -20.54 -26.35 -1.10
C LEU B 34 -20.19 -27.83 -1.27
N GLY B 35 -19.13 -28.27 -0.59
CA GLY B 35 -18.73 -29.67 -0.65
C GLY B 35 -17.78 -30.07 -1.76
N HIS B 36 -17.19 -29.10 -2.44
CA HIS B 36 -16.27 -29.37 -3.53
C HIS B 36 -14.83 -29.64 -3.08
N PRO B 37 -14.17 -30.65 -3.68
CA PRO B 37 -12.79 -30.89 -3.28
C PRO B 37 -12.13 -29.60 -3.78
N THR B 38 -11.35 -28.94 -2.94
CA THR B 38 -10.75 -27.67 -3.33
C THR B 38 -9.23 -27.62 -3.26
N TYR B 39 -8.61 -27.27 -4.39
CA TYR B 39 -7.16 -27.15 -4.48
C TYR B 39 -6.79 -25.67 -4.54
N VAL B 40 -5.84 -25.27 -3.72
CA VAL B 40 -5.42 -23.87 -3.67
C VAL B 40 -3.96 -23.74 -4.06
N PHE B 41 -3.69 -23.04 -5.16
CA PHE B 41 -2.32 -22.83 -5.62
C PHE B 41 -1.81 -21.56 -4.96
N THR B 42 -0.61 -21.63 -4.39
CA THR B 42 -0.03 -20.48 -3.68
C THR B 42 1.50 -20.48 -3.80
N ARG B 43 2.10 -19.29 -3.83
CA ARG B 43 3.55 -19.19 -3.94
C ARG B 43 4.24 -19.74 -2.70
N PRO B 44 5.45 -20.27 -2.85
CA PRO B 44 6.19 -20.83 -1.71
C PRO B 44 6.55 -19.77 -0.65
N ASN B 45 6.66 -18.52 -1.09
CA ASN B 45 7.02 -17.43 -0.18
C ASN B 45 5.86 -16.54 0.26
N SER B 46 4.63 -16.98 0.01
CA SER B 46 3.46 -16.19 0.40
C SER B 46 3.42 -15.96 1.91
N SER B 47 2.95 -14.78 2.31
CA SER B 47 2.86 -14.45 3.73
C SER B 47 1.49 -14.85 4.28
N LYS B 48 0.66 -15.44 3.44
CA LYS B 48 -0.68 -15.88 3.83
C LYS B 48 -0.65 -17.23 4.55
N THR B 49 0.38 -17.44 5.36
CA THR B 49 0.54 -18.70 6.09
C THR B 49 -0.58 -19.08 7.06
N THR B 50 -1.12 -18.10 7.78
CA THR B 50 -2.19 -18.37 8.72
C THR B 50 -3.51 -18.62 7.99
N LEU B 51 -3.68 -17.95 6.85
CA LEU B 51 -4.88 -18.12 6.06
C LEU B 51 -4.86 -19.51 5.43
N LEU B 52 -3.68 -19.95 5.02
CA LEU B 52 -3.52 -21.27 4.41
C LEU B 52 -3.84 -22.37 5.42
N ASP B 53 -3.46 -22.16 6.68
CA ASP B 53 -3.75 -23.15 7.71
C ASP B 53 -5.25 -23.21 7.92
N GLU B 54 -5.92 -22.07 7.80
CA GLU B 54 -7.37 -22.01 7.95
C GLU B 54 -8.01 -22.81 6.83
N PHE B 55 -7.55 -22.60 5.60
CA PHE B 55 -8.06 -23.32 4.44
C PHE B 55 -7.90 -24.82 4.66
N GLN B 56 -6.71 -25.20 5.15
CA GLN B 56 -6.40 -26.60 5.38
C GLN B 56 -7.34 -27.22 6.43
N SER B 57 -7.62 -26.47 7.50
CA SER B 57 -8.51 -26.98 8.54
C SER B 57 -9.91 -27.13 8.00
N LEU B 58 -10.25 -26.36 6.97
CA LEU B 58 -11.56 -26.42 6.35
C LEU B 58 -11.65 -27.52 5.31
N GLY B 59 -10.53 -28.16 5.01
CA GLY B 59 -10.53 -29.26 4.05
C GLY B 59 -9.85 -29.03 2.71
N ALA B 60 -9.29 -27.84 2.51
CA ALA B 60 -8.62 -27.54 1.25
C ALA B 60 -7.28 -28.25 1.09
N ILE B 61 -6.88 -28.46 -0.15
CA ILE B 61 -5.61 -29.10 -0.47
C ILE B 61 -4.71 -27.98 -0.95
N ILE B 62 -3.64 -27.72 -0.21
CA ILE B 62 -2.71 -26.65 -0.56
C ILE B 62 -1.60 -27.14 -1.48
N VAL B 63 -1.38 -26.40 -2.56
CA VAL B 63 -0.32 -26.74 -3.50
C VAL B 63 0.58 -25.52 -3.67
N LYS B 64 1.83 -25.64 -3.22
CA LYS B 64 2.77 -24.54 -3.34
C LYS B 64 3.53 -24.61 -4.67
N GLY B 65 3.70 -23.47 -5.31
CA GLY B 65 4.40 -23.43 -6.57
C GLY B 65 4.33 -22.09 -7.26
N GLU B 66 5.03 -21.98 -8.39
CA GLU B 66 5.06 -20.75 -9.16
C GLU B 66 4.33 -20.99 -10.49
N LEU B 67 3.77 -19.93 -11.06
CA LEU B 67 3.06 -20.05 -12.33
C LEU B 67 4.00 -20.46 -13.45
N ASP B 68 5.30 -20.24 -13.24
CA ASP B 68 6.32 -20.58 -14.22
C ASP B 68 6.61 -22.07 -14.30
N GLU B 69 6.06 -22.84 -13.36
CA GLU B 69 6.28 -24.28 -13.35
C GLU B 69 5.25 -24.97 -14.25
N HIS B 70 5.44 -24.82 -15.56
CA HIS B 70 4.52 -25.40 -16.54
C HIS B 70 4.17 -26.87 -16.34
N GLU B 71 5.19 -27.70 -16.11
CA GLU B 71 4.93 -29.12 -15.91
C GLU B 71 4.07 -29.37 -14.67
N LYS B 72 4.37 -28.67 -13.59
CA LYS B 72 3.61 -28.81 -12.36
C LYS B 72 2.14 -28.44 -12.62
N LEU B 73 1.92 -27.35 -13.34
CA LEU B 73 0.57 -26.91 -13.66
C LEU B 73 -0.21 -27.94 -14.46
N VAL B 74 0.43 -28.52 -15.48
CA VAL B 74 -0.22 -29.53 -16.31
C VAL B 74 -0.62 -30.76 -15.50
N GLU B 75 0.27 -31.23 -14.65
CA GLU B 75 -0.04 -32.41 -13.85
C GLU B 75 -1.15 -32.14 -12.84
N LEU B 76 -1.22 -30.90 -12.36
CA LEU B 76 -2.25 -30.51 -11.41
C LEU B 76 -3.60 -30.38 -12.12
N MET B 77 -3.58 -29.86 -13.34
CA MET B 77 -4.79 -29.69 -14.13
C MET B 77 -5.47 -31.03 -14.39
N LYS B 78 -4.67 -32.06 -14.61
CA LYS B 78 -5.20 -33.39 -14.89
C LYS B 78 -5.99 -33.99 -13.73
N LYS B 79 -5.80 -33.43 -12.53
CA LYS B 79 -6.48 -33.93 -11.34
C LYS B 79 -7.77 -33.19 -10.99
N VAL B 80 -8.03 -32.07 -11.67
CA VAL B 80 -9.22 -31.28 -11.38
C VAL B 80 -10.16 -31.14 -12.58
N ASP B 81 -11.33 -30.54 -12.34
CA ASP B 81 -12.34 -30.34 -13.37
C ASP B 81 -12.58 -28.87 -13.71
N VAL B 82 -12.55 -28.03 -12.70
CA VAL B 82 -12.81 -26.60 -12.86
C VAL B 82 -11.63 -25.76 -12.38
N VAL B 83 -11.32 -24.70 -13.13
CA VAL B 83 -10.22 -23.81 -12.77
C VAL B 83 -10.76 -22.39 -12.65
N ILE B 84 -10.46 -21.74 -11.54
CA ILE B 84 -10.89 -20.37 -11.30
C ILE B 84 -9.66 -19.54 -10.97
N SER B 85 -9.51 -18.41 -11.64
CA SER B 85 -8.38 -17.52 -11.39
C SER B 85 -8.83 -16.23 -10.73
N ALA B 86 -8.23 -15.93 -9.59
CA ALA B 86 -8.52 -14.70 -8.85
C ALA B 86 -7.24 -13.90 -8.71
N LEU B 87 -6.38 -13.95 -9.72
CA LEU B 87 -5.13 -13.21 -9.70
C LEU B 87 -5.37 -11.70 -9.83
N ALA B 88 -4.42 -10.91 -9.32
CA ALA B 88 -4.51 -9.46 -9.34
C ALA B 88 -4.13 -8.83 -10.69
N PHE B 89 -4.43 -7.54 -10.85
CA PHE B 89 -4.14 -6.86 -12.11
C PHE B 89 -2.72 -6.99 -12.65
N PRO B 90 -1.70 -6.89 -11.78
CA PRO B 90 -0.33 -7.03 -12.29
C PRO B 90 -0.03 -8.40 -12.91
N GLN B 91 -0.85 -9.38 -12.58
CA GLN B 91 -0.67 -10.73 -13.08
C GLN B 91 -1.68 -11.17 -14.14
N ILE B 92 -2.45 -10.25 -14.70
CA ILE B 92 -3.46 -10.65 -15.69
C ILE B 92 -2.90 -11.43 -16.88
N LEU B 93 -1.84 -10.94 -17.51
CA LEU B 93 -1.31 -11.67 -18.66
C LEU B 93 -0.57 -12.94 -18.24
N ASP B 94 -0.22 -13.04 -16.96
CA ASP B 94 0.44 -14.24 -16.48
C ASP B 94 -0.57 -15.39 -16.52
N GLN B 95 -1.83 -15.08 -16.72
CA GLN B 95 -2.85 -16.13 -16.79
C GLN B 95 -2.65 -16.97 -18.05
N PHE B 96 -1.81 -16.50 -18.98
CA PHE B 96 -1.55 -17.27 -20.18
C PHE B 96 -0.79 -18.54 -19.81
N LYS B 97 -0.13 -18.51 -18.65
CA LYS B 97 0.60 -19.68 -18.18
C LYS B 97 -0.43 -20.71 -17.73
N ILE B 98 -1.50 -20.23 -17.10
CA ILE B 98 -2.57 -21.10 -16.64
C ILE B 98 -3.28 -21.68 -17.86
N LEU B 99 -3.57 -20.82 -18.84
CA LEU B 99 -4.26 -21.24 -20.05
C LEU B 99 -3.45 -22.28 -20.83
N GLU B 100 -2.14 -22.10 -20.89
CA GLU B 100 -1.30 -23.04 -21.63
C GLU B 100 -1.41 -24.43 -20.99
N ALA B 101 -1.39 -24.49 -19.65
CA ALA B 101 -1.50 -25.76 -18.93
C ALA B 101 -2.88 -26.38 -19.16
N ILE B 102 -3.92 -25.55 -19.15
CA ILE B 102 -5.28 -26.02 -19.39
C ILE B 102 -5.35 -26.69 -20.76
N LYS B 103 -4.80 -26.01 -21.77
CA LYS B 103 -4.81 -26.53 -23.14
C LYS B 103 -4.07 -27.86 -23.25
N VAL B 104 -2.91 -27.97 -22.60
CA VAL B 104 -2.12 -29.20 -22.65
C VAL B 104 -2.83 -30.36 -21.93
N ALA B 105 -3.37 -30.09 -20.75
CA ALA B 105 -4.06 -31.12 -19.97
C ALA B 105 -5.28 -31.64 -20.73
N GLY B 106 -6.08 -30.71 -21.27
CA GLY B 106 -7.25 -31.07 -22.06
C GLY B 106 -8.52 -31.57 -21.38
N ASN B 107 -8.47 -31.79 -20.07
CA ASN B 107 -9.63 -32.31 -19.35
C ASN B 107 -10.44 -31.28 -18.56
N ILE B 108 -10.05 -30.01 -18.64
CA ILE B 108 -10.77 -28.98 -17.90
C ILE B 108 -12.16 -28.71 -18.47
N LYS B 109 -13.14 -28.75 -17.58
CA LYS B 109 -14.54 -28.56 -17.95
C LYS B 109 -15.04 -27.11 -17.90
N ARG B 110 -14.35 -26.24 -17.18
CA ARG B 110 -14.75 -24.84 -17.10
C ARG B 110 -13.61 -24.00 -16.54
N PHE B 111 -13.36 -22.86 -17.17
CA PHE B 111 -12.32 -21.94 -16.73
C PHE B 111 -12.95 -20.56 -16.51
N LEU B 112 -12.72 -19.98 -15.33
CA LEU B 112 -13.21 -18.64 -15.03
C LEU B 112 -11.99 -17.74 -14.84
N PRO B 113 -11.69 -16.88 -15.82
CA PRO B 113 -10.54 -16.00 -15.70
C PRO B 113 -10.79 -14.93 -14.64
N SER B 114 -9.74 -14.21 -14.25
CA SER B 114 -9.88 -13.17 -13.24
C SER B 114 -10.50 -11.90 -13.80
N ASP B 115 -11.83 -11.86 -13.82
CA ASP B 115 -12.54 -10.68 -14.29
C ASP B 115 -13.04 -10.05 -13.00
N PHE B 116 -14.20 -10.50 -12.53
CA PHE B 116 -14.79 -10.04 -11.26
C PHE B 116 -14.91 -8.53 -11.05
N GLY B 117 -15.36 -7.83 -12.08
CA GLY B 117 -15.54 -6.39 -11.97
C GLY B 117 -16.50 -5.90 -13.02
N VAL B 118 -16.09 -4.89 -13.78
CA VAL B 118 -16.92 -4.34 -14.84
C VAL B 118 -16.98 -5.35 -15.99
N GLU B 119 -17.93 -5.15 -16.90
CA GLU B 119 -18.06 -6.03 -18.06
C GLU B 119 -17.24 -5.36 -19.14
N GLU B 120 -15.94 -5.67 -19.18
CA GLU B 120 -15.02 -5.03 -20.12
C GLU B 120 -15.34 -5.12 -21.60
N ASP B 121 -16.14 -6.10 -22.01
CA ASP B 121 -16.47 -6.22 -23.43
C ASP B 121 -17.57 -5.28 -23.89
N ARG B 122 -18.16 -4.51 -22.96
CA ARG B 122 -19.23 -3.58 -23.36
C ARG B 122 -19.05 -2.18 -22.80
N ILE B 123 -17.93 -1.93 -22.12
CA ILE B 123 -17.67 -0.60 -21.58
C ILE B 123 -16.21 -0.20 -21.82
N ASN B 124 -15.96 1.10 -21.84
CA ASN B 124 -14.62 1.62 -22.03
C ASN B 124 -14.32 2.60 -20.90
N ALA B 125 -13.05 2.77 -20.58
CA ALA B 125 -12.65 3.67 -19.50
C ALA B 125 -11.53 4.60 -19.93
N LEU B 126 -11.09 5.45 -19.01
CA LEU B 126 -9.99 6.37 -19.28
C LEU B 126 -8.73 5.52 -19.42
N PRO B 127 -7.76 5.97 -20.25
CA PRO B 127 -6.49 5.29 -20.50
C PRO B 127 -5.85 4.48 -19.38
N PRO B 128 -5.69 5.08 -18.18
CA PRO B 128 -5.07 4.33 -17.09
C PRO B 128 -5.74 2.99 -16.79
N PHE B 129 -7.06 2.99 -16.79
CA PHE B 129 -7.82 1.77 -16.49
C PHE B 129 -8.13 0.97 -17.74
N GLU B 130 -8.38 1.65 -18.85
CA GLU B 130 -8.67 0.99 -20.13
C GLU B 130 -7.53 0.03 -20.49
N ALA B 131 -6.30 0.48 -20.28
CA ALA B 131 -5.13 -0.34 -20.59
C ALA B 131 -5.16 -1.65 -19.81
N LEU B 132 -5.65 -1.58 -18.58
CA LEU B 132 -5.71 -2.75 -17.72
C LEU B 132 -6.84 -3.71 -18.11
N ILE B 133 -8.04 -3.19 -18.36
CA ILE B 133 -9.12 -4.09 -18.73
C ILE B 133 -8.93 -4.66 -20.14
N GLU B 134 -8.06 -4.05 -20.94
CA GLU B 134 -7.78 -4.59 -22.26
C GLU B 134 -7.01 -5.90 -22.07
N ARG B 135 -6.21 -5.97 -21.00
CA ARG B 135 -5.45 -7.19 -20.72
C ARG B 135 -6.43 -8.32 -20.39
N LYS B 136 -7.53 -7.98 -19.70
CA LYS B 136 -8.52 -8.99 -19.38
C LYS B 136 -9.24 -9.41 -20.67
N ARG B 137 -9.45 -8.47 -21.59
CA ARG B 137 -10.09 -8.81 -22.86
C ARG B 137 -9.19 -9.78 -23.63
N MET B 138 -7.89 -9.54 -23.58
CA MET B 138 -6.93 -10.40 -24.26
C MET B 138 -7.04 -11.85 -23.81
N ILE B 139 -7.27 -12.05 -22.51
CA ILE B 139 -7.41 -13.39 -21.96
C ILE B 139 -8.69 -14.02 -22.49
N ARG B 140 -9.77 -13.26 -22.51
CA ARG B 140 -11.04 -13.76 -23.02
C ARG B 140 -10.91 -14.19 -24.48
N ARG B 141 -10.28 -13.35 -25.30
CA ARG B 141 -10.14 -13.68 -26.72
C ARG B 141 -9.34 -14.96 -26.92
N ALA B 142 -8.35 -15.20 -26.07
CA ALA B 142 -7.52 -16.39 -26.20
C ALA B 142 -8.30 -17.63 -25.80
N ILE B 143 -9.17 -17.48 -24.80
CA ILE B 143 -10.01 -18.58 -24.33
C ILE B 143 -10.96 -19.01 -25.44
N GLU B 144 -11.55 -18.04 -26.12
CA GLU B 144 -12.50 -18.29 -27.19
C GLU B 144 -11.83 -18.87 -28.42
N GLU B 145 -10.64 -18.38 -28.72
CA GLU B 145 -9.88 -18.84 -29.87
C GLU B 145 -9.52 -20.31 -29.70
N ALA B 146 -9.34 -20.73 -28.44
CA ALA B 146 -8.98 -22.11 -28.13
C ALA B 146 -10.16 -23.01 -27.78
N ASN B 147 -11.37 -22.46 -27.83
CA ASN B 147 -12.58 -23.22 -27.55
C ASN B 147 -12.61 -23.80 -26.13
N ILE B 148 -11.99 -23.09 -25.19
CA ILE B 148 -11.97 -23.51 -23.80
C ILE B 148 -13.30 -23.15 -23.15
N PRO B 149 -13.98 -24.11 -22.50
CA PRO B 149 -15.28 -23.84 -21.86
C PRO B 149 -15.06 -22.77 -20.78
N TYR B 150 -15.91 -21.76 -20.76
CA TYR B 150 -15.72 -20.66 -19.83
C TYR B 150 -16.97 -20.04 -19.24
N THR B 151 -16.73 -19.12 -18.31
CA THR B 151 -17.78 -18.33 -17.68
C THR B 151 -17.04 -17.05 -17.34
N TYR B 152 -17.56 -15.92 -17.82
CA TYR B 152 -16.99 -14.61 -17.58
C TYR B 152 -17.86 -13.94 -16.50
N VAL B 153 -17.28 -13.71 -15.33
CA VAL B 153 -18.05 -13.11 -14.24
C VAL B 153 -17.84 -11.61 -14.05
N SER B 154 -18.92 -10.83 -14.20
CA SER B 154 -18.85 -9.39 -13.96
C SER B 154 -19.51 -9.26 -12.59
N ALA B 155 -18.69 -9.12 -11.55
CA ALA B 155 -19.21 -9.03 -10.19
C ALA B 155 -19.60 -7.64 -9.75
N ASN B 156 -19.34 -6.66 -10.61
CA ASN B 156 -19.58 -5.26 -10.31
C ASN B 156 -18.73 -4.86 -9.11
N CYS B 157 -19.14 -3.85 -8.34
CA CYS B 157 -18.31 -3.39 -7.22
C CYS B 157 -18.24 -4.27 -5.98
N PHE B 158 -17.03 -4.48 -5.47
CA PHE B 158 -16.85 -5.26 -4.24
C PHE B 158 -17.39 -4.29 -3.16
N ALA B 159 -18.47 -4.70 -2.49
CA ALA B 159 -19.12 -3.85 -1.50
C ALA B 159 -18.33 -3.43 -0.25
N SER B 160 -17.73 -4.37 0.45
CA SER B 160 -16.97 -3.98 1.64
C SER B 160 -15.84 -3.05 1.22
N TYR B 161 -15.20 -3.40 0.12
CA TYR B 161 -14.09 -2.64 -0.43
C TYR B 161 -14.47 -1.19 -0.68
N PHE B 162 -15.55 -0.97 -1.44
CA PHE B 162 -15.96 0.39 -1.75
C PHE B 162 -16.78 1.14 -0.70
N ILE B 163 -17.42 0.43 0.21
CA ILE B 163 -18.13 1.12 1.28
C ILE B 163 -17.00 1.72 2.13
N ASN B 164 -15.93 0.96 2.31
CA ASN B 164 -14.79 1.46 3.08
C ASN B 164 -14.15 2.64 2.37
N TYR B 165 -14.01 2.52 1.05
CA TYR B 165 -13.39 3.57 0.26
C TYR B 165 -14.20 4.86 0.21
N LEU B 166 -15.50 4.76 -0.03
CA LEU B 166 -16.37 5.92 -0.14
C LEU B 166 -16.79 6.53 1.19
N LEU B 167 -17.10 5.70 2.17
CA LEU B 167 -17.56 6.20 3.47
C LEU B 167 -16.49 6.31 4.54
N ARG B 168 -15.37 5.61 4.39
CA ARG B 168 -14.29 5.64 5.37
C ARG B 168 -14.93 5.58 6.76
N PRO B 169 -15.77 4.56 7.00
CA PRO B 169 -16.48 4.36 8.26
C PRO B 169 -15.63 4.42 9.53
N TYR B 170 -14.36 4.05 9.39
CA TYR B 170 -13.42 4.05 10.51
C TYR B 170 -12.81 5.43 10.74
N ASP B 171 -13.29 6.43 10.00
CA ASP B 171 -12.78 7.79 10.11
C ASP B 171 -13.82 8.73 10.73
N PRO B 172 -13.49 9.32 11.89
CA PRO B 172 -14.42 10.24 12.58
C PRO B 172 -14.57 11.62 11.95
N LYS B 173 -14.03 11.81 10.75
CA LYS B 173 -14.12 13.10 10.05
C LYS B 173 -15.56 13.55 9.86
N ASP B 174 -15.75 14.86 9.64
CA ASP B 174 -17.08 15.42 9.45
C ASP B 174 -17.43 15.71 8.00
N GLU B 175 -16.53 15.36 7.08
CA GLU B 175 -16.77 15.58 5.66
C GLU B 175 -16.64 14.28 4.89
N ILE B 176 -17.23 14.23 3.70
CA ILE B 176 -17.16 13.07 2.84
C ILE B 176 -16.96 13.52 1.41
N THR B 177 -16.02 12.89 0.72
CA THR B 177 -15.73 13.24 -0.66
C THR B 177 -16.74 12.58 -1.61
N VAL B 178 -17.25 13.36 -2.55
CA VAL B 178 -18.20 12.86 -3.54
C VAL B 178 -17.56 13.08 -4.91
N TYR B 179 -17.48 12.00 -5.70
CA TYR B 179 -16.87 12.09 -7.01
C TYR B 179 -17.89 12.47 -8.08
N GLY B 180 -17.66 13.60 -8.72
CA GLY B 180 -18.58 14.08 -9.74
C GLY B 180 -19.84 14.56 -9.04
N THR B 181 -20.96 14.53 -9.76
CA THR B 181 -22.23 14.97 -9.20
C THR B 181 -22.69 14.01 -8.11
N GLY B 182 -22.24 12.76 -8.20
CA GLY B 182 -22.63 11.75 -7.24
C GLY B 182 -23.95 11.10 -7.58
N GLU B 183 -24.49 11.43 -8.74
CA GLU B 183 -25.78 10.91 -9.20
C GLU B 183 -25.69 9.62 -10.02
N ALA B 184 -24.48 9.21 -10.38
CA ALA B 184 -24.31 7.99 -11.17
C ALA B 184 -24.63 6.74 -10.36
N LYS B 185 -25.34 5.80 -10.97
CA LYS B 185 -25.69 4.57 -10.28
C LYS B 185 -24.60 3.52 -10.42
N PHE B 186 -24.50 2.66 -9.41
CA PHE B 186 -23.54 1.57 -9.43
C PHE B 186 -24.11 0.41 -8.63
N ALA B 187 -23.63 -0.79 -8.91
CA ALA B 187 -24.09 -1.98 -8.21
C ALA B 187 -22.92 -2.50 -7.41
N MET B 188 -23.16 -2.90 -6.16
CA MET B 188 -22.10 -3.44 -5.34
C MET B 188 -22.60 -4.67 -4.60
N ASN B 189 -21.73 -5.67 -4.52
CA ASN B 189 -22.07 -6.94 -3.89
C ASN B 189 -21.06 -7.37 -2.82
N TYR B 190 -21.58 -8.01 -1.77
CA TYR B 190 -20.77 -8.48 -0.66
C TYR B 190 -19.79 -9.55 -1.14
N GLU B 191 -18.53 -9.37 -0.77
CA GLU B 191 -17.46 -10.30 -1.17
C GLU B 191 -17.77 -11.77 -0.87
N GLN B 192 -18.34 -12.03 0.30
CA GLN B 192 -18.68 -13.41 0.67
C GLN B 192 -19.67 -14.00 -0.34
N ASP B 193 -20.63 -13.19 -0.78
CA ASP B 193 -21.63 -13.67 -1.74
C ASP B 193 -21.02 -13.82 -3.14
N ILE B 194 -20.14 -12.90 -3.52
CA ILE B 194 -19.47 -12.98 -4.81
C ILE B 194 -18.74 -14.33 -4.86
N GLY B 195 -18.09 -14.69 -3.77
CA GLY B 195 -17.37 -15.95 -3.71
C GLY B 195 -18.27 -17.17 -3.83
N LEU B 196 -19.36 -17.20 -3.10
CA LEU B 196 -20.27 -18.33 -3.14
C LEU B 196 -20.95 -18.50 -4.49
N TYR B 197 -21.50 -17.40 -5.03
CA TYR B 197 -22.17 -17.45 -6.33
C TYR B 197 -21.20 -17.84 -7.44
N THR B 198 -19.95 -17.41 -7.32
CA THR B 198 -18.97 -17.75 -8.34
C THR B 198 -18.78 -19.26 -8.41
N ILE B 199 -18.70 -19.93 -7.27
CA ILE B 199 -18.54 -21.38 -7.28
C ILE B 199 -19.78 -22.03 -7.88
N LYS B 200 -20.95 -21.53 -7.51
CA LYS B 200 -22.23 -22.05 -8.01
C LYS B 200 -22.29 -21.99 -9.54
N VAL B 201 -22.04 -20.81 -10.12
CA VAL B 201 -22.14 -20.69 -11.56
C VAL B 201 -21.07 -21.46 -12.32
N ALA B 202 -19.93 -21.70 -11.66
CA ALA B 202 -18.83 -22.42 -12.29
C ALA B 202 -19.17 -23.87 -12.67
N THR B 203 -20.24 -24.41 -12.08
CA THR B 203 -20.64 -25.77 -12.40
C THR B 203 -22.07 -25.82 -12.93
N ASP B 204 -22.73 -24.67 -12.97
CA ASP B 204 -24.10 -24.55 -13.44
C ASP B 204 -24.10 -24.54 -14.98
N PRO B 205 -24.78 -25.51 -15.61
CA PRO B 205 -24.82 -25.55 -17.07
C PRO B 205 -25.36 -24.26 -17.69
N ARG B 206 -26.24 -23.58 -16.95
CA ARG B 206 -26.83 -22.33 -17.41
C ARG B 206 -25.80 -21.21 -17.59
N ALA B 207 -24.61 -21.41 -17.03
CA ALA B 207 -23.55 -20.40 -17.13
C ALA B 207 -22.41 -20.83 -18.06
N LEU B 208 -22.55 -21.99 -18.68
CA LEU B 208 -21.52 -22.49 -19.59
C LEU B 208 -21.36 -21.58 -20.81
N ASN B 209 -20.14 -21.08 -21.00
CA ASN B 209 -19.79 -20.20 -22.10
C ASN B 209 -20.64 -18.94 -22.17
N ARG B 210 -20.90 -18.36 -21.02
CA ARG B 210 -21.71 -17.15 -20.97
C ARG B 210 -21.13 -16.11 -20.05
N VAL B 211 -21.67 -14.90 -20.17
CA VAL B 211 -21.29 -13.78 -19.33
C VAL B 211 -22.31 -13.81 -18.21
N VAL B 212 -21.84 -13.85 -16.97
CA VAL B 212 -22.72 -13.84 -15.81
C VAL B 212 -22.46 -12.53 -15.08
N ILE B 213 -23.54 -11.80 -14.82
CA ILE B 213 -23.44 -10.51 -14.15
C ILE B 213 -24.14 -10.57 -12.80
N TYR B 214 -23.51 -9.98 -11.78
CA TYR B 214 -24.10 -9.94 -10.45
C TYR B 214 -24.74 -8.57 -10.24
N ARG B 215 -26.05 -8.48 -10.50
CA ARG B 215 -26.74 -7.21 -10.33
C ARG B 215 -28.07 -7.35 -9.61
N PRO B 216 -28.05 -7.74 -8.33
CA PRO B 216 -29.31 -7.88 -7.60
C PRO B 216 -29.94 -6.49 -7.47
N SER B 217 -31.26 -6.41 -7.65
CA SER B 217 -31.97 -5.13 -7.60
C SER B 217 -31.86 -4.38 -6.27
N THR B 218 -31.52 -5.11 -5.21
CA THR B 218 -31.40 -4.55 -3.88
C THR B 218 -30.03 -3.93 -3.64
N ASN B 219 -29.15 -4.05 -4.64
CA ASN B 219 -27.79 -3.54 -4.49
C ASN B 219 -27.38 -2.47 -5.49
N ILE B 220 -28.35 -1.70 -5.97
CA ILE B 220 -28.11 -0.62 -6.93
C ILE B 220 -28.32 0.70 -6.17
N ILE B 221 -27.34 1.59 -6.25
CA ILE B 221 -27.42 2.83 -5.50
C ILE B 221 -26.49 3.91 -6.10
N THR B 222 -26.60 5.13 -5.59
CA THR B 222 -25.75 6.23 -6.04
C THR B 222 -24.92 6.65 -4.83
N GLN B 223 -23.85 7.41 -5.07
CA GLN B 223 -23.02 7.89 -3.97
C GLN B 223 -23.83 8.69 -2.96
N LEU B 224 -24.68 9.57 -3.47
CA LEU B 224 -25.50 10.42 -2.61
C LEU B 224 -26.50 9.61 -1.79
N GLU B 225 -27.09 8.58 -2.38
CA GLU B 225 -28.06 7.75 -1.67
C GLU B 225 -27.33 6.93 -0.60
N LEU B 226 -26.13 6.45 -0.92
CA LEU B 226 -25.35 5.66 0.02
C LEU B 226 -25.02 6.51 1.24
N ILE B 227 -24.60 7.75 1.01
CA ILE B 227 -24.26 8.65 2.10
C ILE B 227 -25.48 8.93 2.97
N SER B 228 -26.61 9.22 2.33
CA SER B 228 -27.83 9.50 3.07
C SER B 228 -28.25 8.34 3.96
N ARG B 229 -28.21 7.12 3.42
CA ARG B 229 -28.59 5.96 4.21
C ARG B 229 -27.62 5.71 5.37
N TRP B 230 -26.33 5.93 5.12
CA TRP B 230 -25.32 5.74 6.16
C TRP B 230 -25.54 6.76 7.29
N GLU B 231 -25.84 8.00 6.92
CA GLU B 231 -26.08 9.04 7.92
C GLU B 231 -27.21 8.62 8.86
N LYS B 232 -28.27 8.06 8.30
CA LYS B 232 -29.40 7.63 9.12
C LYS B 232 -29.02 6.47 10.03
N LYS B 233 -28.20 5.56 9.52
CA LYS B 233 -27.78 4.40 10.29
C LYS B 233 -26.96 4.77 11.52
N ILE B 234 -26.07 5.76 11.39
CA ILE B 234 -25.20 6.14 12.51
C ILE B 234 -25.55 7.42 13.23
N GLY B 235 -26.58 8.13 12.76
CA GLY B 235 -27.03 9.37 13.40
C GLY B 235 -26.07 10.53 13.30
N LYS B 236 -25.41 10.66 12.15
CA LYS B 236 -24.45 11.74 11.94
C LYS B 236 -24.60 12.32 10.53
N LYS B 237 -24.34 13.62 10.41
CA LYS B 237 -24.42 14.29 9.12
C LYS B 237 -23.03 14.69 8.68
N PHE B 238 -22.76 14.56 7.39
CA PHE B 238 -21.45 14.90 6.84
C PHE B 238 -21.54 16.07 5.87
N LYS B 239 -20.44 16.79 5.73
CA LYS B 239 -20.38 17.91 4.78
C LYS B 239 -19.85 17.27 3.49
N LYS B 240 -20.65 17.30 2.44
CA LYS B 240 -20.27 16.70 1.17
C LYS B 240 -19.39 17.61 0.32
N ILE B 241 -18.19 17.13 0.02
CA ILE B 241 -17.23 17.89 -0.79
C ILE B 241 -17.09 17.21 -2.15
N HIS B 242 -17.61 17.88 -3.18
CA HIS B 242 -17.58 17.32 -4.53
C HIS B 242 -16.27 17.61 -5.29
N VAL B 243 -15.76 16.61 -6.01
CA VAL B 243 -14.58 16.79 -6.85
C VAL B 243 -15.21 16.68 -8.27
N PRO B 244 -15.33 17.81 -8.98
CA PRO B 244 -15.92 17.81 -10.32
C PRO B 244 -15.29 16.83 -11.29
N GLU B 245 -16.08 16.31 -12.24
CA GLU B 245 -15.57 15.34 -13.23
C GLU B 245 -14.39 15.86 -13.99
N GLU B 246 -14.49 17.10 -14.46
CA GLU B 246 -13.41 17.72 -15.21
C GLU B 246 -12.06 17.58 -14.51
N GLU B 247 -12.08 17.73 -13.18
CA GLU B 247 -10.92 17.64 -12.29
C GLU B 247 -10.38 16.21 -12.24
N ILE B 248 -11.29 15.26 -12.12
CA ILE B 248 -10.92 13.85 -12.05
C ILE B 248 -10.19 13.43 -13.31
N VAL B 249 -10.69 13.89 -14.46
CA VAL B 249 -10.09 13.56 -15.74
C VAL B 249 -8.68 14.12 -15.87
N ALA B 250 -8.51 15.37 -15.42
CA ALA B 250 -7.21 16.01 -15.48
C ALA B 250 -6.16 15.19 -14.75
N LEU B 251 -6.51 14.69 -13.57
CA LEU B 251 -5.61 13.88 -12.75
C LEU B 251 -5.04 12.66 -13.46
N THR B 252 -5.90 11.93 -14.16
CA THR B 252 -5.46 10.74 -14.87
C THR B 252 -4.42 11.04 -15.94
N LYS B 253 -4.34 12.31 -16.33
CA LYS B 253 -3.39 12.73 -17.35
C LYS B 253 -2.09 13.28 -16.79
N GLU B 254 -2.15 13.83 -15.57
CA GLU B 254 -0.98 14.42 -14.92
C GLU B 254 -0.33 13.57 -13.83
N LEU B 255 -1.15 12.83 -13.08
CA LEU B 255 -0.61 11.97 -12.02
C LEU B 255 0.09 10.75 -12.60
N PRO B 256 1.20 10.34 -12.00
CA PRO B 256 1.97 9.18 -12.46
C PRO B 256 1.24 7.86 -12.23
N GLU B 257 1.82 6.78 -12.75
CA GLU B 257 1.29 5.44 -12.60
C GLU B 257 2.05 4.86 -11.39
N PRO B 258 1.38 4.06 -10.54
CA PRO B 258 -0.03 3.64 -10.55
C PRO B 258 -1.01 4.59 -9.85
N GLU B 259 -0.52 5.75 -9.44
CA GLU B 259 -1.37 6.74 -8.75
C GLU B 259 -2.63 7.14 -9.51
N ASN B 260 -2.53 7.19 -10.84
CA ASN B 260 -3.67 7.61 -11.67
C ASN B 260 -4.71 6.52 -11.91
N ILE B 261 -4.37 5.27 -11.62
CA ILE B 261 -5.29 4.16 -11.86
C ILE B 261 -6.54 4.17 -10.98
N PRO B 262 -6.38 4.32 -9.65
CA PRO B 262 -7.56 4.34 -8.78
C PRO B 262 -8.51 5.48 -9.18
N ILE B 263 -7.92 6.59 -9.61
CA ILE B 263 -8.67 7.75 -10.04
C ILE B 263 -9.48 7.42 -11.30
N ALA B 264 -8.84 6.74 -12.26
CA ALA B 264 -9.52 6.36 -13.49
C ALA B 264 -10.65 5.38 -13.15
N ILE B 265 -10.42 4.51 -12.18
CA ILE B 265 -11.44 3.56 -11.77
C ILE B 265 -12.63 4.28 -11.14
N LEU B 266 -12.35 5.26 -10.28
CA LEU B 266 -13.43 6.01 -9.63
C LEU B 266 -14.30 6.69 -10.69
N HIS B 267 -13.67 7.21 -11.74
CA HIS B 267 -14.41 7.87 -12.80
C HIS B 267 -15.33 6.86 -13.49
N CYS B 268 -14.75 5.70 -13.80
CA CYS B 268 -15.48 4.63 -14.47
C CYS B 268 -16.69 4.16 -13.67
N LEU B 269 -16.47 3.85 -12.40
CA LEU B 269 -17.55 3.34 -11.56
C LEU B 269 -18.55 4.35 -11.02
N PHE B 270 -18.05 5.50 -10.58
CA PHE B 270 -18.90 6.49 -9.95
C PHE B 270 -19.25 7.78 -10.68
N ILE B 271 -18.68 7.98 -11.86
CA ILE B 271 -19.00 9.17 -12.64
C ILE B 271 -19.66 8.70 -13.94
N ASP B 272 -19.00 7.79 -14.65
CA ASP B 272 -19.55 7.24 -15.89
C ASP B 272 -20.67 6.23 -15.55
N GLY B 273 -20.61 5.66 -14.34
CA GLY B 273 -21.61 4.69 -13.92
C GLY B 273 -21.60 3.44 -14.79
N ALA B 274 -20.39 2.98 -15.12
CA ALA B 274 -20.18 1.81 -15.97
C ALA B 274 -20.84 0.49 -15.57
N THR B 275 -21.08 0.27 -14.27
CA THR B 275 -21.70 -0.98 -13.88
C THR B 275 -23.21 -0.95 -14.10
N MET B 276 -23.75 0.22 -14.41
CA MET B 276 -25.19 0.38 -14.61
C MET B 276 -25.57 1.12 -15.89
N SER B 277 -24.62 1.32 -16.79
CA SER B 277 -24.86 2.05 -18.02
C SER B 277 -25.37 1.22 -19.21
N TYR B 278 -25.69 -0.04 -18.97
CA TYR B 278 -26.16 -0.90 -20.06
C TYR B 278 -27.34 -1.77 -19.66
N ASP B 279 -28.06 -2.26 -20.66
CA ASP B 279 -29.19 -3.15 -20.43
C ASP B 279 -28.69 -4.56 -20.75
N PHE B 280 -29.29 -5.56 -20.11
CA PHE B 280 -28.87 -6.94 -20.34
C PHE B 280 -29.07 -7.38 -21.78
N LYS B 281 -28.18 -8.24 -22.26
CA LYS B 281 -28.26 -8.78 -23.60
C LYS B 281 -29.03 -10.09 -23.56
N GLU B 282 -29.40 -10.61 -24.72
CA GLU B 282 -30.15 -11.86 -24.81
C GLU B 282 -29.48 -13.02 -24.09
N ASN B 283 -28.18 -13.19 -24.31
CA ASN B 283 -27.45 -14.29 -23.70
C ASN B 283 -26.84 -14.02 -22.32
N ASP B 284 -27.06 -12.83 -21.78
CA ASP B 284 -26.52 -12.49 -20.46
C ASP B 284 -27.27 -13.29 -19.40
N VAL B 285 -26.60 -13.58 -18.29
CA VAL B 285 -27.22 -14.30 -17.19
C VAL B 285 -27.02 -13.44 -15.95
N GLU B 286 -28.12 -13.01 -15.32
CA GLU B 286 -27.98 -12.21 -14.09
C GLU B 286 -28.11 -13.25 -12.97
N ALA B 287 -27.02 -13.44 -12.25
CA ALA B 287 -26.92 -14.44 -11.19
C ALA B 287 -27.96 -14.50 -10.07
N SER B 288 -28.46 -13.35 -9.62
CA SER B 288 -29.43 -13.38 -8.52
C SER B 288 -30.71 -14.14 -8.85
N THR B 289 -30.96 -14.35 -10.14
CA THR B 289 -32.16 -15.05 -10.59
C THR B 289 -31.99 -16.57 -10.65
N LEU B 290 -30.75 -17.04 -10.49
CA LEU B 290 -30.47 -18.46 -10.60
C LEU B 290 -30.82 -19.43 -9.49
N TYR B 291 -30.67 -19.02 -8.24
CA TYR B 291 -30.93 -19.93 -7.13
C TYR B 291 -31.96 -19.44 -6.13
N PRO B 292 -33.13 -20.09 -6.10
CA PRO B 292 -34.20 -19.68 -5.18
C PRO B 292 -33.87 -19.88 -3.70
N GLU B 293 -32.85 -20.68 -3.40
CA GLU B 293 -32.46 -20.94 -2.02
C GLU B 293 -31.41 -19.93 -1.52
N LEU B 294 -30.93 -19.10 -2.43
CA LEU B 294 -29.91 -18.11 -2.08
C LEU B 294 -30.29 -16.69 -2.49
N LYS B 295 -29.64 -15.72 -1.88
CA LYS B 295 -29.86 -14.32 -2.22
C LYS B 295 -28.62 -13.50 -1.83
N PHE B 296 -28.38 -12.41 -2.55
CA PHE B 296 -27.25 -11.55 -2.25
C PHE B 296 -27.58 -10.67 -1.05
N THR B 297 -26.58 -10.49 -0.18
CA THR B 297 -26.73 -9.63 0.99
C THR B 297 -27.07 -8.24 0.43
N THR B 298 -28.12 -7.62 0.94
CA THR B 298 -28.57 -6.32 0.44
C THR B 298 -27.74 -5.16 0.98
N ILE B 299 -27.94 -3.98 0.39
CA ILE B 299 -27.22 -2.80 0.84
C ILE B 299 -27.56 -2.47 2.29
N ASP B 300 -28.82 -2.62 2.67
CA ASP B 300 -29.20 -2.31 4.05
C ASP B 300 -28.51 -3.27 5.00
N GLU B 301 -28.47 -4.56 4.63
CA GLU B 301 -27.81 -5.56 5.46
C GLU B 301 -26.31 -5.25 5.55
N LEU B 302 -25.75 -4.77 4.44
CA LEU B 302 -24.34 -4.43 4.39
C LEU B 302 -24.03 -3.27 5.35
N LEU B 303 -24.89 -2.26 5.34
CA LEU B 303 -24.68 -1.12 6.23
C LEU B 303 -24.78 -1.58 7.69
N ASP B 304 -25.68 -2.52 7.97
CA ASP B 304 -25.81 -3.02 9.34
C ASP B 304 -24.52 -3.73 9.75
N ILE B 305 -23.92 -4.46 8.82
CA ILE B 305 -22.66 -5.15 9.10
C ILE B 305 -21.59 -4.11 9.46
N PHE B 306 -21.57 -2.99 8.76
CA PHE B 306 -20.58 -1.96 9.04
C PHE B 306 -20.85 -1.24 10.36
N VAL B 307 -22.09 -1.31 10.84
CA VAL B 307 -22.42 -0.68 12.12
C VAL B 307 -22.00 -1.59 13.27
N HIS B 308 -22.24 -2.89 13.11
CA HIS B 308 -21.94 -3.87 14.16
C HIS B 308 -20.56 -4.54 14.14
N ASP B 309 -20.07 -4.91 12.96
CA ASP B 309 -18.77 -5.58 12.87
C ASP B 309 -18.17 -5.31 11.50
N PRO B 310 -17.74 -4.07 11.27
CA PRO B 310 -17.14 -3.63 10.01
C PRO B 310 -15.84 -4.32 9.63
N PRO B 311 -15.74 -4.77 8.36
CA PRO B 311 -14.53 -5.44 7.89
C PRO B 311 -13.49 -4.36 7.58
N PRO B 312 -12.20 -4.70 7.72
CA PRO B 312 -11.13 -3.73 7.46
C PRO B 312 -11.03 -3.30 6.00
N PRO B 313 -10.52 -2.08 5.75
CA PRO B 313 -10.38 -1.56 4.40
C PRO B 313 -9.28 -2.28 3.63
N ALA B 314 -9.31 -2.17 2.31
CA ALA B 314 -8.32 -2.82 1.46
C ALA B 314 -7.97 -1.95 0.27
N SER B 315 -6.80 -2.19 -0.31
CA SER B 315 -6.34 -1.43 -1.47
C SER B 315 -5.77 -2.41 -2.50
N ALA B 316 -6.41 -2.49 -3.67
CA ALA B 316 -5.97 -3.39 -4.72
C ALA B 316 -4.56 -3.09 -5.19
N ALA B 317 -3.91 -4.11 -5.76
CA ALA B 317 -2.55 -3.97 -6.26
C ALA B 317 -2.57 -3.51 -7.72
N PHE B 318 -1.77 -2.50 -8.03
CA PHE B 318 -1.69 -1.97 -9.39
C PHE B 318 -0.24 -1.88 -9.85
PA NDP C . 7.80 1.79 8.88
O1A NDP C . 6.48 1.99 8.25
O2A NDP C . 8.84 0.96 8.25
O5B NDP C . 7.46 1.30 10.37
C5B NDP C . 8.53 1.12 11.32
C4B NDP C . 8.12 0.02 12.26
O4B NDP C . 6.94 0.27 13.19
C3B NDP C . 7.55 -1.27 11.66
O3B NDP C . 8.61 -1.99 11.04
C2B NDP C . 6.91 -2.03 12.82
O2B NDP C . 7.84 -2.87 13.47
C1B NDP C . 6.41 -0.93 13.75
N9A NDP C . 4.95 -0.81 13.79
C8A NDP C . 4.08 -0.76 12.69
N7A NDP C . 2.81 -0.66 13.04
C5A NDP C . 2.85 -0.65 14.40
C6A NDP C . 1.82 -0.58 15.37
N6A NDP C . 0.53 -0.49 15.03
N1A NDP C . 2.19 -0.58 16.70
C2A NDP C . 3.51 -0.68 17.04
N3A NDP C . 4.57 -0.76 16.19
C4A NDP C . 4.15 -0.74 14.87
O3 NDP C . 8.39 3.28 9.24
PN NDP C . 9.29 4.18 8.25
O1N NDP C . 8.70 4.24 6.89
O2N NDP C . 10.68 3.64 8.34
O5D NDP C . 9.28 5.62 8.94
C5D NDP C . 10.05 5.89 10.11
C4D NDP C . 10.33 7.37 10.23
O4D NDP C . 11.00 7.82 9.02
C3D NDP C . 9.08 8.25 10.47
O3D NDP C . 9.34 9.29 11.39
C2D NDP C . 8.81 8.70 9.07
O2D NDP C . 8.06 9.90 9.09
C1D NDP C . 10.18 8.86 8.47
N1N NDP C . 10.17 8.85 7.00
C2N NDP C . 10.85 9.89 6.39
C3N NDP C . 11.06 9.88 5.01
C7N NDP C . 12.02 10.85 4.35
O7N NDP C . 12.14 10.84 3.13
N7N NDP C . 12.70 11.68 5.15
C4N NDP C . 10.39 8.90 4.22
C5N NDP C . 9.72 7.82 4.85
C6N NDP C . 9.67 7.78 6.25
P2B NDP C . 7.47 -4.34 14.00
O1X NDP C . 6.72 -5.06 12.89
O2X NDP C . 8.83 -4.88 14.33
O3X NDP C . 6.61 -4.14 15.23
PA NDP D . -4.97 -9.84 -4.57
O1A NDP D . -4.14 -8.62 -4.70
O2A NDP D . -5.58 -10.20 -3.28
O5B NDP D . -4.04 -11.01 -5.16
C5B NDP D . -4.59 -12.33 -5.34
C4B NDP D . -3.45 -13.29 -5.15
O4B NDP D . -2.35 -13.31 -6.20
C3B NDP D . -2.52 -13.09 -3.96
O3B NDP D . -3.20 -13.46 -2.77
C2B NDP D . -1.29 -13.97 -4.23
O2B NDP D . -1.46 -15.28 -3.73
C1B NDP D . -1.18 -13.95 -5.74
N9A NDP D . -0.02 -13.21 -6.25
C8A NDP D . 0.38 -11.92 -5.88
N7A NDP D . 1.47 -11.52 -6.50
C5A NDP D . 1.79 -12.56 -7.31
C6A NDP D . 2.85 -12.76 -8.23
N6A NDP D . 3.78 -11.82 -8.44
N1A NDP D . 2.89 -13.96 -8.90
C2A NDP D . 1.95 -14.91 -8.68
N3A NDP D . 0.90 -14.82 -7.83
C4A NDP D . 0.88 -13.62 -7.17
O3 NDP D . -6.11 -9.81 -5.75
PN NDP D . -7.55 -9.13 -5.59
O1N NDP D . -7.43 -7.77 -5.01
O2N NDP D . -8.38 -10.12 -4.85
O5D NDP D . -8.11 -9.04 -7.08
C5D NDP D . -8.48 -10.22 -7.82
C4D NDP D . -9.42 -9.84 -8.93
O4D NDP D . -10.54 -9.08 -8.39
C3D NDP D . -8.77 -9.02 -10.08
O3D NDP D . -9.24 -9.42 -11.34
C2D NDP D . -9.17 -7.64 -9.67
O2D NDP D . -9.12 -6.77 -10.78
C1D NDP D . -10.53 -7.82 -9.09
N1N NDP D . -10.93 -6.67 -8.24
C2N NDP D . -12.21 -6.15 -8.46
C3N NDP D . -12.75 -5.22 -7.58
C7N NDP D . -14.19 -4.79 -7.67
O7N NDP D . -14.63 -3.93 -6.90
N7N NDP D . -14.95 -5.39 -8.61
C4N NDP D . -11.91 -4.66 -6.55
C5N NDP D . -10.65 -5.24 -6.30
C6N NDP D . -10.17 -6.26 -7.12
P2B NDP D . -0.28 -16.10 -2.99
O1X NDP D . 0.39 -15.16 -2.00
O2X NDP D . -1.04 -17.25 -2.41
O3X NDP D . 0.67 -16.54 -4.09
#